data_4H5P
#
_entry.id   4H5P
#
_cell.length_a   77.640
_cell.length_b   193.180
_cell.length_c   77.420
_cell.angle_alpha   90.000
_cell.angle_beta   108.890
_cell.angle_gamma   90.000
#
_symmetry.space_group_name_H-M   'C 1 2 1'
#
loop_
_entity.id
_entity.type
_entity.pdbx_description
1 polymer 'Nucleocapsid protein'
2 polymer '28-mer poly(U) RNA'
3 water water
#
loop_
_entity_poly.entity_id
_entity_poly.type
_entity_poly.pdbx_seq_one_letter_code
_entity_poly.pdbx_strand_id
1 'polypeptide(L)'
;MDNYQELAIQFAAQAVDRNEIEQWVREFAYQGFDARRVIELLKQYGGADWEKDAKKMIVLALTRGNKPRRMMMKMSKEGK
ATVEALINKYKLKEGNPSRDELTLSRVAAALAGRTCQALVVLSEWLPVTGTTMDGLSPAYPRHMMHPSFAGMVDPSLPGD
YLRAILDAHSLYLLQFSRVINPNLRGRTKEEVAATFTQPMNAAVNSNFISHEKRREFLKAFGLVDSNGKPSAAVMAAAQA
YKTAA
;
A,B,C,D
2 'polyribonucleotide' UUUUUUUUUUUUUU E,F
#
# COMPACT_ATOMS: atom_id res chain seq x y z
N ASP A 2 2.02 18.47 -32.95
CA ASP A 2 1.39 19.69 -33.46
C ASP A 2 0.24 19.37 -34.43
N ASN A 3 0.44 18.38 -35.32
CA ASN A 3 -0.62 17.95 -36.25
C ASN A 3 -1.21 16.63 -35.69
N TYR A 4 -2.24 16.78 -34.80
CA TYR A 4 -2.92 15.69 -34.10
C TYR A 4 -3.60 14.71 -35.04
N GLN A 5 -4.19 15.18 -36.15
CA GLN A 5 -4.82 14.29 -37.12
C GLN A 5 -3.77 13.39 -37.76
N GLU A 6 -2.61 13.97 -38.14
CA GLU A 6 -1.47 13.26 -38.74
C GLU A 6 -0.87 12.26 -37.76
N LEU A 7 -0.74 12.64 -36.47
CA LEU A 7 -0.24 11.79 -35.39
C LEU A 7 -1.13 10.56 -35.23
N ALA A 8 -2.47 10.73 -35.34
CA ALA A 8 -3.45 9.65 -35.26
C ALA A 8 -3.36 8.74 -36.48
N ILE A 9 -3.17 9.31 -37.70
CA ILE A 9 -3.05 8.54 -38.96
C ILE A 9 -1.74 7.73 -38.96
N GLN A 10 -0.59 8.36 -38.63
CA GLN A 10 0.72 7.69 -38.55
C GLN A 10 0.70 6.52 -37.55
N PHE A 11 0.01 6.71 -36.40
CA PHE A 11 -0.19 5.68 -35.37
C PHE A 11 -1.00 4.53 -35.95
N ALA A 12 -2.07 4.84 -36.71
CA ALA A 12 -2.93 3.84 -37.33
C ALA A 12 -2.22 3.12 -38.48
N ALA A 13 -1.19 3.77 -39.08
CA ALA A 13 -0.42 3.20 -40.19
C ALA A 13 0.35 1.94 -39.78
N GLN A 14 0.92 1.90 -38.56
CA GLN A 14 1.64 0.71 -38.05
C GLN A 14 0.65 -0.47 -38.00
N ALA A 15 0.96 -1.62 -38.63
CA ALA A 15 -0.01 -2.72 -38.61
C ALA A 15 -0.01 -3.42 -37.27
N VAL A 16 -1.14 -4.05 -36.92
CA VAL A 16 -1.29 -4.77 -35.67
C VAL A 16 -0.47 -6.07 -35.77
N ASP A 17 0.50 -6.22 -34.85
CA ASP A 17 1.36 -7.38 -34.73
C ASP A 17 0.61 -8.37 -33.85
N ARG A 18 0.04 -9.43 -34.47
CA ARG A 18 -0.78 -10.45 -33.81
C ARG A 18 -0.08 -11.03 -32.57
N ASN A 19 1.20 -11.35 -32.68
CA ASN A 19 2.01 -11.94 -31.61
C ASN A 19 2.18 -10.98 -30.42
N GLU A 20 2.48 -9.72 -30.72
CA GLU A 20 2.69 -8.67 -29.73
C GLU A 20 1.38 -8.34 -29.00
N ILE A 21 0.30 -8.16 -29.77
CA ILE A 21 -1.01 -7.80 -29.22
C ILE A 21 -1.57 -8.93 -28.34
N GLU A 22 -1.39 -10.20 -28.75
CA GLU A 22 -1.86 -11.37 -27.99
C GLU A 22 -1.04 -11.54 -26.72
N GLN A 23 0.25 -11.18 -26.75
CA GLN A 23 1.12 -11.21 -25.58
C GLN A 23 0.58 -10.20 -24.54
N TRP A 24 0.10 -9.02 -25.02
CA TRP A 24 -0.51 -8.00 -24.19
C TRP A 24 -1.88 -8.47 -23.62
N VAL A 25 -2.73 -9.16 -24.43
CA VAL A 25 -4.04 -9.61 -23.94
C VAL A 25 -3.86 -10.60 -22.81
N ARG A 26 -2.88 -11.52 -22.91
CA ARG A 26 -2.59 -12.54 -21.89
C ARG A 26 -2.07 -11.88 -20.61
N GLU A 27 -1.20 -10.88 -20.76
CA GLU A 27 -0.62 -10.15 -19.64
C GLU A 27 -1.69 -9.38 -18.86
N PHE A 28 -2.66 -8.79 -19.59
CA PHE A 28 -3.72 -7.96 -19.01
C PHE A 28 -4.99 -8.74 -18.71
N ALA A 29 -5.05 -10.04 -19.06
CA ALA A 29 -6.24 -10.88 -18.88
C ALA A 29 -6.75 -10.91 -17.44
N TYR A 30 -8.06 -11.14 -17.28
CA TYR A 30 -8.71 -11.30 -15.99
C TYR A 30 -8.12 -12.50 -15.28
N GLN A 31 -7.68 -12.32 -14.03
CA GLN A 31 -7.12 -13.43 -13.28
C GLN A 31 -8.20 -14.01 -12.36
N GLY A 32 -8.59 -15.24 -12.67
CA GLY A 32 -9.60 -15.98 -11.93
C GLY A 32 -9.15 -16.39 -10.55
N PHE A 33 -10.13 -16.80 -9.72
CA PHE A 33 -9.89 -17.24 -8.36
C PHE A 33 -8.90 -18.39 -8.37
N ASP A 34 -7.91 -18.31 -7.49
CA ASP A 34 -6.90 -19.34 -7.31
C ASP A 34 -6.81 -19.66 -5.84
N ALA A 35 -7.28 -20.86 -5.46
CA ALA A 35 -7.25 -21.34 -4.08
C ALA A 35 -5.82 -21.39 -3.50
N ARG A 36 -4.81 -21.62 -4.35
CA ARG A 36 -3.39 -21.66 -3.95
C ARG A 36 -2.93 -20.31 -3.36
N ARG A 37 -3.39 -19.19 -3.97
CA ARG A 37 -3.06 -17.84 -3.51
C ARG A 37 -3.71 -17.55 -2.15
N VAL A 38 -4.94 -18.06 -1.94
CA VAL A 38 -5.68 -17.89 -0.70
C VAL A 38 -4.92 -18.60 0.44
N ILE A 39 -4.55 -19.88 0.23
CA ILE A 39 -3.84 -20.68 1.23
C ILE A 39 -2.45 -20.05 1.51
N GLU A 40 -1.75 -19.57 0.45
CA GLU A 40 -0.46 -18.91 0.59
C GLU A 40 -0.57 -17.68 1.50
N LEU A 41 -1.61 -16.86 1.32
CA LEU A 41 -1.83 -15.66 2.14
C LEU A 41 -2.19 -16.05 3.58
N LEU A 42 -2.99 -17.11 3.73
CA LEU A 42 -3.38 -17.66 5.04
C LEU A 42 -2.13 -18.09 5.82
N LYS A 43 -1.23 -18.85 5.16
CA LYS A 43 0.04 -19.31 5.73
C LYS A 43 0.98 -18.15 6.06
N GLN A 44 1.10 -17.17 5.17
CA GLN A 44 1.95 -15.97 5.30
C GLN A 44 1.55 -15.11 6.51
N TYR A 45 0.26 -14.86 6.70
CA TYR A 45 -0.22 -14.01 7.79
C TYR A 45 -0.43 -14.78 9.10
N GLY A 46 -0.87 -16.02 8.99
CA GLY A 46 -1.22 -16.83 10.15
C GLY A 46 -0.18 -17.76 10.74
N GLY A 47 0.81 -18.13 9.93
CA GLY A 47 1.88 -19.05 10.35
C GLY A 47 1.28 -20.36 10.80
N ALA A 48 1.72 -20.86 11.97
CA ALA A 48 1.23 -22.11 12.59
C ALA A 48 -0.25 -22.02 13.03
N ASP A 49 -0.83 -20.82 13.09
CA ASP A 49 -2.21 -20.60 13.50
C ASP A 49 -3.23 -20.58 12.35
N TRP A 50 -2.77 -20.62 11.08
CA TRP A 50 -3.63 -20.46 9.91
C TRP A 50 -4.80 -21.47 9.87
N GLU A 51 -4.58 -22.74 10.20
CA GLU A 51 -5.64 -23.79 10.17
C GLU A 51 -6.72 -23.56 11.22
N LYS A 52 -6.34 -23.24 12.48
CA LYS A 52 -7.33 -22.96 13.53
C LYS A 52 -8.12 -21.70 13.19
N ASP A 53 -7.45 -20.67 12.64
CA ASP A 53 -8.10 -19.41 12.25
C ASP A 53 -8.99 -19.60 11.03
N ALA A 54 -8.61 -20.47 10.08
CA ALA A 54 -9.41 -20.75 8.90
C ALA A 54 -10.72 -21.45 9.28
N LYS A 55 -10.72 -22.29 10.35
CA LYS A 55 -11.91 -22.94 10.89
C LYS A 55 -12.89 -21.88 11.40
N LYS A 56 -12.37 -20.88 12.12
CA LYS A 56 -13.14 -19.75 12.66
C LYS A 56 -13.74 -18.92 11.55
N MET A 57 -12.94 -18.63 10.51
CA MET A 57 -13.34 -17.83 9.35
C MET A 57 -14.39 -18.57 8.51
N ILE A 58 -14.33 -19.92 8.46
CA ILE A 58 -15.35 -20.73 7.76
C ILE A 58 -16.69 -20.60 8.51
N VAL A 59 -16.67 -20.60 9.86
CA VAL A 59 -17.89 -20.45 10.67
C VAL A 59 -18.46 -19.03 10.43
N LEU A 60 -17.57 -18.01 10.38
CA LEU A 60 -17.99 -16.62 10.13
C LEU A 60 -18.59 -16.45 8.74
N ALA A 61 -17.91 -17.00 7.71
CA ALA A 61 -18.37 -16.95 6.32
C ALA A 61 -19.75 -17.59 6.16
N LEU A 62 -19.97 -18.75 6.79
CA LEU A 62 -21.21 -19.53 6.67
C LEU A 62 -22.39 -18.99 7.48
N THR A 63 -22.13 -18.45 8.70
CA THR A 63 -23.21 -18.00 9.58
C THR A 63 -23.38 -16.48 9.63
N ARG A 64 -22.35 -15.69 9.26
CA ARG A 64 -22.50 -14.24 9.32
C ARG A 64 -22.27 -13.54 7.97
N GLY A 65 -21.63 -14.19 7.02
CA GLY A 65 -21.42 -13.60 5.71
C GLY A 65 -20.02 -13.13 5.37
N ASN A 66 -19.93 -12.18 4.44
CA ASN A 66 -18.67 -11.71 3.87
C ASN A 66 -18.35 -10.22 4.19
N LYS A 67 -18.90 -9.66 5.29
CA LYS A 67 -18.61 -8.25 5.65
C LYS A 67 -18.09 -8.19 7.10
N PRO A 68 -16.75 -8.40 7.28
CA PRO A 68 -16.18 -8.48 8.65
C PRO A 68 -16.50 -7.29 9.58
N ARG A 69 -16.35 -6.03 9.11
CA ARG A 69 -16.63 -4.86 9.95
C ARG A 69 -18.12 -4.69 10.24
N ARG A 70 -18.99 -5.00 9.27
CA ARG A 70 -20.44 -4.90 9.43
C ARG A 70 -20.97 -5.96 10.42
N MET A 71 -20.51 -7.24 10.32
CA MET A 71 -20.99 -8.31 11.21
C MET A 71 -20.60 -8.03 12.68
N MET A 72 -19.47 -7.32 12.89
CA MET A 72 -18.94 -6.91 14.20
C MET A 72 -19.88 -5.96 14.93
N MET A 73 -20.71 -5.21 14.19
CA MET A 73 -21.65 -4.24 14.73
C MET A 73 -22.74 -4.91 15.60
N LYS A 74 -23.10 -6.15 15.27
CA LYS A 74 -24.12 -6.93 15.98
C LYS A 74 -23.50 -8.24 16.44
N MET A 75 -22.60 -8.13 17.41
CA MET A 75 -21.86 -9.28 17.92
C MET A 75 -21.47 -9.07 19.37
N SER A 76 -21.31 -10.17 20.13
CA SER A 76 -20.86 -10.15 21.52
C SER A 76 -19.44 -9.57 21.61
N LYS A 77 -19.05 -9.06 22.78
CA LYS A 77 -17.73 -8.50 23.07
C LYS A 77 -16.61 -9.49 22.68
N GLU A 78 -16.81 -10.79 23.01
CA GLU A 78 -15.90 -11.91 22.75
C GLU A 78 -15.72 -12.14 21.25
N GLY A 79 -16.84 -12.23 20.52
CA GLY A 79 -16.83 -12.43 19.07
C GLY A 79 -16.17 -11.26 18.35
N LYS A 80 -16.56 -10.02 18.75
CA LYS A 80 -16.04 -8.74 18.26
C LYS A 80 -14.51 -8.71 18.37
N ALA A 81 -13.97 -9.13 19.53
CA ALA A 81 -12.54 -9.19 19.80
C ALA A 81 -11.84 -10.23 18.91
N THR A 82 -12.48 -11.39 18.66
CA THR A 82 -11.96 -12.46 17.81
C THR A 82 -11.90 -12.00 16.35
N VAL A 83 -12.99 -11.38 15.85
CA VAL A 83 -13.08 -10.91 14.47
C VAL A 83 -12.10 -9.72 14.25
N GLU A 84 -11.98 -8.81 15.24
CA GLU A 84 -11.04 -7.68 15.17
C GLU A 84 -9.60 -8.21 14.97
N ALA A 85 -9.21 -9.23 15.74
CA ALA A 85 -7.89 -9.85 15.65
C ALA A 85 -7.70 -10.53 14.29
N LEU A 86 -8.73 -11.24 13.80
CA LEU A 86 -8.70 -11.89 12.49
C LEU A 86 -8.54 -10.87 11.34
N ILE A 87 -9.24 -9.71 11.42
CA ILE A 87 -9.15 -8.66 10.39
C ILE A 87 -7.71 -8.09 10.36
N ASN A 88 -7.17 -7.73 11.54
CA ASN A 88 -5.82 -7.17 11.64
C ASN A 88 -4.75 -8.15 11.14
N LYS A 89 -4.82 -9.43 11.56
CA LYS A 89 -3.84 -10.46 11.20
C LYS A 89 -3.86 -10.80 9.70
N TYR A 90 -5.04 -11.13 9.16
CA TYR A 90 -5.19 -11.57 7.77
C TYR A 90 -5.54 -10.46 6.79
N LYS A 91 -5.58 -9.20 7.27
CA LYS A 91 -5.92 -7.99 6.50
C LYS A 91 -7.19 -8.26 5.70
N LEU A 92 -8.18 -8.82 6.40
CA LEU A 92 -9.46 -9.21 5.82
C LEU A 92 -10.21 -8.03 5.23
N LYS A 93 -10.73 -8.24 4.03
CA LYS A 93 -11.53 -7.24 3.33
C LYS A 93 -12.91 -7.81 3.08
N GLU A 94 -13.85 -6.92 2.77
CA GLU A 94 -15.21 -7.28 2.41
C GLU A 94 -15.30 -7.35 0.88
N GLY A 95 -16.38 -7.92 0.39
CA GLY A 95 -16.68 -7.99 -1.03
C GLY A 95 -15.72 -8.75 -1.92
N ASN A 96 -15.38 -8.13 -3.06
CA ASN A 96 -14.57 -8.71 -4.13
C ASN A 96 -13.36 -7.80 -4.44
N PRO A 97 -12.31 -7.76 -3.59
CA PRO A 97 -11.17 -6.88 -3.86
C PRO A 97 -10.09 -7.55 -4.71
N SER A 98 -8.87 -6.99 -4.67
CA SER A 98 -7.69 -7.54 -5.34
C SER A 98 -7.44 -8.98 -4.91
N ARG A 99 -6.82 -9.80 -5.79
CA ARG A 99 -6.49 -11.20 -5.48
C ARG A 99 -5.35 -11.29 -4.44
N ASP A 100 -4.71 -10.15 -4.11
CA ASP A 100 -3.69 -10.06 -3.08
C ASP A 100 -4.34 -9.93 -1.69
N GLU A 101 -5.68 -9.96 -1.64
CA GLU A 101 -6.44 -9.78 -0.41
C GLU A 101 -7.29 -10.97 -0.07
N LEU A 102 -7.41 -11.22 1.23
CA LEU A 102 -8.24 -12.28 1.77
C LEU A 102 -9.62 -11.72 2.12
N THR A 103 -10.63 -12.57 1.94
CA THR A 103 -12.01 -12.36 2.33
C THR A 103 -12.47 -13.65 2.98
N LEU A 104 -13.51 -13.58 3.81
CA LEU A 104 -14.12 -14.76 4.45
C LEU A 104 -14.65 -15.74 3.39
N SER A 105 -15.27 -15.22 2.31
CA SER A 105 -15.79 -16.05 1.21
C SER A 105 -14.67 -16.80 0.48
N ARG A 106 -13.50 -16.14 0.29
CA ARG A 106 -12.38 -16.75 -0.41
C ARG A 106 -11.76 -17.86 0.44
N VAL A 107 -11.71 -17.68 1.77
CA VAL A 107 -11.18 -18.67 2.72
C VAL A 107 -12.06 -19.92 2.62
N ALA A 108 -13.40 -19.72 2.71
CA ALA A 108 -14.38 -20.81 2.62
C ALA A 108 -14.31 -21.54 1.26
N ALA A 109 -14.11 -20.79 0.16
CA ALA A 109 -14.03 -21.32 -1.20
C ALA A 109 -12.78 -22.15 -1.43
N ALA A 110 -11.61 -21.69 -0.93
CA ALA A 110 -10.33 -22.38 -1.09
C ALA A 110 -10.26 -23.68 -0.30
N LEU A 111 -10.93 -23.73 0.88
CA LEU A 111 -10.92 -24.92 1.73
C LEU A 111 -12.31 -25.55 1.72
N ALA A 112 -12.80 -25.81 0.50
CA ALA A 112 -14.14 -26.31 0.15
C ALA A 112 -14.48 -27.63 0.85
N GLY A 113 -13.49 -28.52 0.95
CA GLY A 113 -13.62 -29.83 1.58
C GLY A 113 -14.08 -29.73 3.02
N ARG A 114 -13.43 -28.82 3.79
CA ARG A 114 -13.77 -28.54 5.18
C ARG A 114 -15.09 -27.77 5.28
N THR A 115 -15.30 -26.75 4.42
CA THR A 115 -16.49 -25.89 4.41
C THR A 115 -17.76 -26.73 4.29
N CYS A 116 -17.76 -27.68 3.35
CA CYS A 116 -18.93 -28.51 3.07
C CYS A 116 -19.24 -29.49 4.20
N GLN A 117 -18.22 -29.90 4.98
CA GLN A 117 -18.41 -30.77 6.14
C GLN A 117 -19.06 -29.99 7.28
N ALA A 118 -18.65 -28.71 7.45
CA ALA A 118 -19.16 -27.80 8.48
C ALA A 118 -20.66 -27.55 8.31
N LEU A 119 -21.15 -27.57 7.05
CA LEU A 119 -22.55 -27.35 6.66
C LEU A 119 -23.56 -28.31 7.31
N VAL A 120 -23.14 -29.54 7.65
CA VAL A 120 -24.01 -30.53 8.29
C VAL A 120 -24.35 -30.02 9.71
N VAL A 121 -23.35 -29.51 10.44
CA VAL A 121 -23.49 -28.99 11.80
C VAL A 121 -24.16 -27.61 11.80
N LEU A 122 -23.79 -26.75 10.83
CA LEU A 122 -24.23 -25.36 10.74
C LEU A 122 -25.57 -25.14 10.04
N SER A 123 -26.13 -26.20 9.44
CA SER A 123 -27.37 -26.23 8.68
C SER A 123 -28.45 -25.18 9.11
N GLU A 124 -28.83 -25.14 10.40
CA GLU A 124 -29.90 -24.26 10.90
C GLU A 124 -29.44 -22.81 11.18
N TRP A 125 -28.17 -22.47 10.86
CA TRP A 125 -27.65 -21.13 11.08
C TRP A 125 -27.22 -20.46 9.76
N LEU A 126 -27.50 -21.12 8.62
CA LEU A 126 -27.17 -20.65 7.28
C LEU A 126 -28.27 -19.70 6.76
N PRO A 127 -28.01 -18.83 5.74
CA PRO A 127 -29.08 -17.95 5.22
C PRO A 127 -30.33 -18.73 4.74
N VAL A 128 -30.12 -19.94 4.19
CA VAL A 128 -31.19 -20.86 3.81
C VAL A 128 -30.89 -22.15 4.58
N THR A 129 -31.74 -22.50 5.55
CA THR A 129 -31.53 -23.66 6.42
C THR A 129 -31.83 -24.98 5.72
N GLY A 130 -31.36 -26.08 6.33
CA GLY A 130 -31.59 -27.44 5.87
C GLY A 130 -33.06 -27.76 5.87
N THR A 131 -33.75 -27.36 6.96
CA THR A 131 -35.19 -27.51 7.17
C THR A 131 -35.94 -26.88 5.98
N THR A 132 -35.53 -25.65 5.56
CA THR A 132 -36.10 -24.92 4.42
C THR A 132 -35.86 -25.73 3.14
N MET A 133 -34.63 -26.27 2.98
CA MET A 133 -34.30 -27.09 1.80
C MET A 133 -35.09 -28.40 1.76
N ASP A 134 -35.39 -28.99 2.95
CA ASP A 134 -36.15 -30.23 3.09
C ASP A 134 -37.59 -30.06 2.63
N GLY A 135 -38.14 -28.85 2.78
CA GLY A 135 -39.49 -28.52 2.33
C GLY A 135 -39.62 -28.44 0.82
N LEU A 136 -38.48 -28.25 0.10
CA LEU A 136 -38.44 -28.17 -1.36
C LEU A 136 -38.08 -29.52 -1.99
N SER A 137 -37.22 -30.29 -1.30
CA SER A 137 -36.78 -31.62 -1.70
C SER A 137 -36.39 -32.40 -0.44
N PRO A 138 -37.08 -33.53 -0.13
CA PRO A 138 -36.77 -34.27 1.11
C PRO A 138 -35.33 -34.75 1.19
N ALA A 139 -34.77 -34.73 2.43
CA ALA A 139 -33.38 -35.12 2.76
C ALA A 139 -32.37 -34.42 1.83
N TYR A 140 -32.55 -33.10 1.61
CA TYR A 140 -31.68 -32.32 0.74
C TYR A 140 -30.21 -32.47 1.22
N PRO A 141 -29.25 -32.74 0.30
CA PRO A 141 -27.86 -32.93 0.74
C PRO A 141 -27.25 -31.68 1.36
N ARG A 142 -27.01 -31.77 2.69
CA ARG A 142 -26.45 -30.69 3.51
C ARG A 142 -25.07 -30.24 3.01
N HIS A 143 -24.30 -31.14 2.39
CA HIS A 143 -22.95 -30.85 1.87
C HIS A 143 -22.96 -29.92 0.65
N MET A 144 -24.13 -29.75 0.00
CA MET A 144 -24.30 -28.90 -1.18
C MET A 144 -24.77 -27.50 -0.84
N MET A 145 -25.02 -27.24 0.45
CA MET A 145 -25.62 -26.02 0.95
C MET A 145 -24.63 -24.83 1.11
N HIS A 146 -23.81 -24.56 0.08
CA HIS A 146 -22.87 -23.43 -0.01
C HIS A 146 -22.30 -23.33 -1.42
N PRO A 147 -22.03 -22.11 -1.97
CA PRO A 147 -21.44 -22.04 -3.32
C PRO A 147 -20.08 -22.76 -3.46
N SER A 148 -19.31 -22.89 -2.36
CA SER A 148 -18.00 -23.55 -2.37
C SER A 148 -18.07 -25.06 -2.70
N PHE A 149 -19.29 -25.67 -2.60
CA PHE A 149 -19.50 -27.08 -2.95
C PHE A 149 -19.07 -27.38 -4.39
N ALA A 150 -19.24 -26.41 -5.30
CA ALA A 150 -18.87 -26.55 -6.71
C ALA A 150 -17.36 -26.90 -6.87
N GLY A 151 -16.53 -26.48 -5.91
CA GLY A 151 -15.11 -26.78 -5.86
C GLY A 151 -14.80 -28.23 -5.51
N MET A 152 -15.83 -29.02 -5.17
CA MET A 152 -15.72 -30.45 -4.81
C MET A 152 -16.32 -31.34 -5.90
N VAL A 153 -16.82 -30.73 -6.98
CA VAL A 153 -17.48 -31.43 -8.08
C VAL A 153 -16.45 -31.90 -9.11
N ASP A 154 -16.48 -33.20 -9.44
CA ASP A 154 -15.62 -33.85 -10.43
C ASP A 154 -16.23 -33.59 -11.83
N PRO A 155 -15.57 -32.77 -12.69
CA PRO A 155 -16.14 -32.51 -14.02
C PRO A 155 -16.05 -33.70 -14.99
N SER A 156 -15.21 -34.71 -14.66
CA SER A 156 -14.99 -35.91 -15.46
C SER A 156 -16.09 -36.98 -15.24
N LEU A 157 -17.05 -36.71 -14.32
CA LEU A 157 -18.19 -37.60 -14.05
C LEU A 157 -19.03 -37.78 -15.31
N PRO A 158 -19.75 -38.92 -15.51
CA PRO A 158 -20.60 -39.04 -16.72
C PRO A 158 -21.63 -37.91 -16.75
N GLY A 159 -21.78 -37.31 -17.93
CA GLY A 159 -22.66 -36.17 -18.22
C GLY A 159 -23.94 -36.04 -17.42
N ASP A 160 -24.77 -37.09 -17.41
CA ASP A 160 -26.05 -37.11 -16.71
C ASP A 160 -25.86 -37.04 -15.19
N TYR A 161 -24.84 -37.74 -14.66
CA TYR A 161 -24.50 -37.76 -13.24
C TYR A 161 -23.98 -36.38 -12.82
N LEU A 162 -23.17 -35.73 -13.69
CA LEU A 162 -22.60 -34.41 -13.46
C LEU A 162 -23.71 -33.34 -13.44
N ARG A 163 -24.66 -33.42 -14.41
CA ARG A 163 -25.79 -32.50 -14.52
C ARG A 163 -26.72 -32.64 -13.31
N ALA A 164 -26.94 -33.88 -12.82
CA ALA A 164 -27.76 -34.17 -11.64
C ALA A 164 -27.16 -33.54 -10.36
N ILE A 165 -25.83 -33.61 -10.19
CA ILE A 165 -25.12 -33.02 -9.04
C ILE A 165 -25.25 -31.49 -9.09
N LEU A 166 -25.04 -30.90 -10.29
CA LEU A 166 -25.09 -29.46 -10.48
C LEU A 166 -26.51 -28.91 -10.38
N ASP A 167 -27.52 -29.65 -10.89
CA ASP A 167 -28.93 -29.24 -10.79
C ASP A 167 -29.37 -29.26 -9.32
N ALA A 168 -29.00 -30.33 -8.57
CA ALA A 168 -29.29 -30.48 -7.14
C ALA A 168 -28.71 -29.31 -6.33
N HIS A 169 -27.43 -28.98 -6.59
CA HIS A 169 -26.71 -27.88 -5.95
C HIS A 169 -27.33 -26.53 -6.34
N SER A 170 -27.76 -26.38 -7.61
CA SER A 170 -28.42 -25.18 -8.14
C SER A 170 -29.74 -24.89 -7.45
N LEU A 171 -30.44 -25.93 -6.90
CA LEU A 171 -31.69 -25.73 -6.15
C LEU A 171 -31.38 -24.91 -4.89
N TYR A 172 -30.22 -25.18 -4.24
CA TYR A 172 -29.76 -24.39 -3.10
C TYR A 172 -29.36 -22.99 -3.55
N LEU A 173 -28.55 -22.90 -4.64
CA LEU A 173 -28.02 -21.65 -5.18
C LEU A 173 -29.13 -20.68 -5.52
N LEU A 174 -30.27 -21.19 -5.99
CA LEU A 174 -31.45 -20.42 -6.33
C LEU A 174 -32.03 -19.75 -5.07
N GLN A 175 -32.22 -20.52 -3.98
CA GLN A 175 -32.77 -20.02 -2.71
C GLN A 175 -31.79 -19.05 -2.05
N PHE A 176 -30.52 -19.46 -1.95
CA PHE A 176 -29.42 -18.71 -1.34
C PHE A 176 -29.23 -17.34 -1.98
N SER A 177 -29.10 -17.29 -3.33
CA SER A 177 -28.90 -16.04 -4.07
C SER A 177 -30.06 -15.05 -3.83
N ARG A 178 -31.30 -15.53 -3.76
CA ARG A 178 -32.45 -14.65 -3.54
C ARG A 178 -32.48 -14.10 -2.11
N VAL A 179 -32.04 -14.91 -1.12
CA VAL A 179 -32.00 -14.49 0.27
C VAL A 179 -30.89 -13.43 0.49
N ILE A 180 -29.66 -13.69 0.04
CA ILE A 180 -28.55 -12.75 0.28
C ILE A 180 -28.54 -11.57 -0.72
N ASN A 181 -29.17 -11.71 -1.91
CA ASN A 181 -29.26 -10.65 -2.92
C ASN A 181 -30.75 -10.29 -3.10
N PRO A 182 -31.24 -9.23 -2.41
CA PRO A 182 -32.68 -8.90 -2.48
C PRO A 182 -33.21 -8.44 -3.85
N ASN A 183 -32.36 -8.00 -4.80
CA ASN A 183 -32.88 -7.59 -6.11
C ASN A 183 -33.23 -8.81 -7.00
N LEU A 184 -32.74 -10.01 -6.65
CA LEU A 184 -33.01 -11.26 -7.38
C LEU A 184 -34.34 -11.91 -6.96
N ARG A 185 -34.91 -11.49 -5.81
CA ARG A 185 -36.17 -12.00 -5.23
C ARG A 185 -37.37 -11.92 -6.20
N GLY A 186 -37.42 -10.88 -7.04
CA GLY A 186 -38.50 -10.70 -8.00
C GLY A 186 -38.21 -11.23 -9.40
N ARG A 187 -37.02 -11.84 -9.60
CA ARG A 187 -36.57 -12.37 -10.90
C ARG A 187 -36.83 -13.88 -11.05
N THR A 188 -36.89 -14.37 -12.30
CA THR A 188 -37.16 -15.78 -12.64
C THR A 188 -35.96 -16.67 -12.30
N LYS A 189 -36.18 -18.01 -12.27
CA LYS A 189 -35.13 -19.00 -11.99
C LYS A 189 -33.94 -18.81 -12.95
N GLU A 190 -34.22 -18.61 -14.25
CA GLU A 190 -33.23 -18.42 -15.31
C GLU A 190 -32.40 -17.15 -15.10
N GLU A 191 -33.02 -16.07 -14.59
CA GLU A 191 -32.34 -14.80 -14.31
C GLU A 191 -31.40 -14.92 -13.09
N VAL A 192 -31.87 -15.62 -12.03
CA VAL A 192 -31.14 -15.86 -10.79
C VAL A 192 -29.96 -16.81 -11.10
N ALA A 193 -30.19 -17.84 -11.96
CA ALA A 193 -29.17 -18.81 -12.40
C ALA A 193 -28.06 -18.13 -13.22
N ALA A 194 -28.39 -17.06 -13.96
CA ALA A 194 -27.46 -16.29 -14.77
C ALA A 194 -26.42 -15.52 -13.91
N THR A 195 -26.66 -15.44 -12.58
CA THR A 195 -25.74 -14.78 -11.63
C THR A 195 -24.86 -15.81 -10.90
N PHE A 196 -25.24 -17.10 -10.90
CA PHE A 196 -24.46 -18.08 -10.15
C PHE A 196 -23.82 -19.17 -10.99
N THR A 197 -24.21 -19.35 -12.27
CA THR A 197 -23.64 -20.42 -13.13
C THR A 197 -22.17 -20.21 -13.48
N GLN A 198 -21.75 -18.97 -13.84
CA GLN A 198 -20.34 -18.70 -14.18
C GLN A 198 -19.38 -18.96 -12.97
N PRO A 199 -19.61 -18.42 -11.74
CA PRO A 199 -18.70 -18.75 -10.62
C PRO A 199 -18.78 -20.23 -10.22
N MET A 200 -19.97 -20.88 -10.38
CA MET A 200 -20.16 -22.31 -10.09
C MET A 200 -19.30 -23.15 -11.05
N ASN A 201 -19.43 -22.91 -12.37
CA ASN A 201 -18.67 -23.62 -13.41
C ASN A 201 -17.17 -23.38 -13.28
N ALA A 202 -16.76 -22.15 -12.87
CA ALA A 202 -15.35 -21.82 -12.67
C ALA A 202 -14.75 -22.69 -11.55
N ALA A 203 -15.54 -22.93 -10.48
CA ALA A 203 -15.11 -23.81 -9.37
C ALA A 203 -15.06 -25.28 -9.81
N VAL A 204 -16.06 -25.75 -10.60
CA VAL A 204 -16.13 -27.12 -11.10
C VAL A 204 -14.92 -27.42 -12.00
N ASN A 205 -14.54 -26.44 -12.84
CA ASN A 205 -13.47 -26.60 -13.83
C ASN A 205 -12.10 -26.07 -13.38
N SER A 206 -11.94 -25.65 -12.11
CA SER A 206 -10.63 -25.19 -11.64
C SER A 206 -9.66 -26.38 -11.52
N ASN A 207 -8.36 -26.11 -11.49
CA ASN A 207 -7.38 -27.19 -11.38
C ASN A 207 -7.08 -27.55 -9.92
N PHE A 208 -7.75 -26.88 -8.96
CA PHE A 208 -7.50 -27.11 -7.53
C PHE A 208 -8.28 -28.32 -7.03
N ILE A 209 -7.55 -29.35 -6.53
CA ILE A 209 -8.01 -30.66 -6.05
C ILE A 209 -8.35 -31.47 -7.32
N SER A 210 -7.66 -32.60 -7.51
CA SER A 210 -7.81 -33.47 -8.68
C SER A 210 -9.22 -34.05 -8.80
N HIS A 211 -9.56 -34.51 -10.03
CA HIS A 211 -10.84 -35.14 -10.37
C HIS A 211 -11.14 -36.29 -9.42
N GLU A 212 -10.13 -37.15 -9.20
CA GLU A 212 -10.15 -38.35 -8.36
C GLU A 212 -10.40 -38.00 -6.90
N LYS A 213 -9.69 -37.00 -6.36
CA LYS A 213 -9.85 -36.56 -4.96
C LYS A 213 -11.22 -35.93 -4.75
N ARG A 214 -11.73 -35.17 -5.75
CA ARG A 214 -13.07 -34.56 -5.68
C ARG A 214 -14.16 -35.64 -5.70
N ARG A 215 -13.96 -36.73 -6.48
CA ARG A 215 -14.94 -37.83 -6.50
C ARG A 215 -14.90 -38.62 -5.19
N GLU A 216 -13.72 -38.72 -4.55
CA GLU A 216 -13.56 -39.38 -3.25
C GLU A 216 -14.35 -38.61 -2.17
N PHE A 217 -14.36 -37.26 -2.26
CA PHE A 217 -15.12 -36.40 -1.33
C PHE A 217 -16.62 -36.64 -1.53
N LEU A 218 -17.11 -36.62 -2.80
CA LEU A 218 -18.52 -36.83 -3.15
C LEU A 218 -19.01 -38.20 -2.67
N LYS A 219 -18.17 -39.25 -2.79
CA LYS A 219 -18.47 -40.61 -2.33
C LYS A 219 -18.52 -40.67 -0.80
N ALA A 220 -17.52 -40.08 -0.11
CA ALA A 220 -17.40 -40.05 1.35
C ALA A 220 -18.56 -39.31 1.99
N PHE A 221 -19.04 -38.22 1.35
CA PHE A 221 -20.15 -37.43 1.84
C PHE A 221 -21.51 -38.08 1.50
N GLY A 222 -21.48 -39.14 0.70
CA GLY A 222 -22.66 -39.91 0.30
C GLY A 222 -23.48 -39.32 -0.83
N LEU A 223 -22.85 -38.47 -1.66
CA LEU A 223 -23.49 -37.80 -2.79
C LEU A 223 -23.51 -38.67 -4.04
N VAL A 224 -22.45 -39.46 -4.26
CA VAL A 224 -22.37 -40.42 -5.39
C VAL A 224 -21.95 -41.79 -4.85
N ASP A 225 -22.27 -42.89 -5.59
CA ASP A 225 -21.83 -44.23 -5.22
C ASP A 225 -20.44 -44.50 -5.83
N SER A 226 -19.95 -45.76 -5.74
CA SER A 226 -18.67 -46.20 -6.28
C SER A 226 -18.51 -45.95 -7.79
N ASN A 227 -19.63 -45.96 -8.54
CA ASN A 227 -19.66 -45.75 -10.00
C ASN A 227 -19.92 -44.28 -10.36
N GLY A 228 -20.00 -43.42 -9.35
CA GLY A 228 -20.26 -42.00 -9.54
C GLY A 228 -21.71 -41.64 -9.77
N LYS A 229 -22.64 -42.61 -9.54
CA LYS A 229 -24.07 -42.39 -9.70
C LYS A 229 -24.60 -41.60 -8.50
N PRO A 230 -25.30 -40.46 -8.72
CA PRO A 230 -25.80 -39.66 -7.60
C PRO A 230 -26.84 -40.37 -6.75
N SER A 231 -26.92 -39.99 -5.46
CA SER A 231 -27.87 -40.59 -4.50
C SER A 231 -29.31 -40.21 -4.86
N ALA A 232 -30.29 -40.90 -4.27
CA ALA A 232 -31.71 -40.65 -4.52
C ALA A 232 -32.06 -39.21 -4.11
N ALA A 233 -31.42 -38.72 -3.02
CA ALA A 233 -31.59 -37.36 -2.49
C ALA A 233 -31.14 -36.32 -3.51
N VAL A 234 -30.03 -36.59 -4.24
CA VAL A 234 -29.48 -35.69 -5.27
C VAL A 234 -30.43 -35.67 -6.48
N MET A 235 -30.92 -36.85 -6.90
CA MET A 235 -31.85 -37.00 -8.02
C MET A 235 -33.14 -36.22 -7.77
N ALA A 236 -33.65 -36.26 -6.51
CA ALA A 236 -34.84 -35.55 -6.05
C ALA A 236 -34.63 -34.07 -6.14
N ALA A 237 -33.49 -33.61 -5.62
CA ALA A 237 -33.07 -32.22 -5.61
C ALA A 237 -32.89 -31.69 -7.05
N ALA A 238 -32.35 -32.53 -7.95
CA ALA A 238 -32.15 -32.20 -9.36
C ALA A 238 -33.51 -32.10 -10.08
N GLN A 239 -34.48 -32.96 -9.72
CA GLN A 239 -35.83 -32.92 -10.33
C GLN A 239 -36.61 -31.71 -9.76
N ALA A 240 -36.42 -31.42 -8.45
CA ALA A 240 -37.03 -30.28 -7.77
C ALA A 240 -36.52 -28.98 -8.37
N TYR A 241 -35.29 -28.99 -8.96
CA TYR A 241 -34.74 -27.81 -9.61
C TYR A 241 -35.36 -27.59 -10.98
N LYS A 242 -35.65 -28.69 -11.72
CA LYS A 242 -36.26 -28.64 -13.06
C LYS A 242 -37.65 -28.02 -12.99
N THR A 243 -38.37 -28.30 -11.90
CA THR A 243 -39.74 -27.85 -11.61
C THR A 243 -39.76 -26.41 -11.04
N ALA A 244 -38.77 -26.08 -10.18
CA ALA A 244 -38.64 -24.85 -9.38
C ALA A 244 -38.91 -23.54 -10.14
N ALA A 245 -39.52 -22.57 -9.44
CA ALA A 245 -39.82 -21.23 -9.95
C ALA A 245 -38.74 -20.24 -9.51
N ASP B 2 3.88 -25.02 0.28
CA ASP B 2 4.17 -25.10 -1.15
C ASP B 2 3.23 -26.07 -1.88
N ASN B 3 2.89 -27.22 -1.25
CA ASN B 3 1.93 -28.16 -1.84
C ASN B 3 0.54 -27.80 -1.28
N TYR B 4 -0.09 -26.81 -1.91
CA TYR B 4 -1.38 -26.26 -1.49
C TYR B 4 -2.52 -27.26 -1.57
N GLN B 5 -2.51 -28.16 -2.57
CA GLN B 5 -3.55 -29.17 -2.70
C GLN B 5 -3.48 -30.13 -1.52
N GLU B 6 -2.26 -30.54 -1.11
CA GLU B 6 -2.04 -31.43 0.03
C GLU B 6 -2.49 -30.78 1.34
N LEU B 7 -2.16 -29.49 1.53
CA LEU B 7 -2.57 -28.71 2.69
C LEU B 7 -4.08 -28.64 2.77
N ALA B 8 -4.77 -28.39 1.63
CA ALA B 8 -6.23 -28.34 1.60
C ALA B 8 -6.84 -29.72 1.87
N ILE B 9 -6.20 -30.82 1.38
CA ILE B 9 -6.69 -32.19 1.60
C ILE B 9 -6.53 -32.56 3.08
N GLN B 10 -5.34 -32.32 3.66
CA GLN B 10 -5.03 -32.61 5.07
C GLN B 10 -5.95 -31.83 6.01
N PHE B 11 -6.26 -30.56 5.68
CA PHE B 11 -7.14 -29.70 6.48
C PHE B 11 -8.57 -30.26 6.51
N ALA B 12 -9.07 -30.71 5.34
CA ALA B 12 -10.38 -31.32 5.16
C ALA B 12 -10.46 -32.74 5.75
N ALA B 13 -9.31 -33.37 6.04
CA ALA B 13 -9.23 -34.72 6.60
C ALA B 13 -9.55 -34.74 8.10
N GLN B 14 -9.12 -33.70 8.87
CA GLN B 14 -9.38 -33.61 10.32
C GLN B 14 -10.88 -33.65 10.54
N ALA B 15 -11.33 -34.50 11.49
CA ALA B 15 -12.75 -34.67 11.81
C ALA B 15 -13.38 -33.41 12.38
N VAL B 16 -14.67 -33.20 12.07
CA VAL B 16 -15.44 -32.04 12.54
C VAL B 16 -15.69 -32.17 14.04
N ASP B 17 -15.19 -31.17 14.80
CA ASP B 17 -15.42 -31.08 16.23
C ASP B 17 -16.70 -30.23 16.39
N ARG B 18 -17.86 -30.89 16.51
CA ARG B 18 -19.17 -30.22 16.63
C ARG B 18 -19.23 -29.26 17.81
N ASN B 19 -18.60 -29.62 18.94
CA ASN B 19 -18.54 -28.79 20.16
C ASN B 19 -17.83 -27.48 19.89
N GLU B 20 -16.70 -27.55 19.17
CA GLU B 20 -15.86 -26.39 18.83
C GLU B 20 -16.60 -25.47 17.86
N ILE B 21 -17.18 -26.04 16.77
CA ILE B 21 -17.93 -25.30 15.75
C ILE B 21 -19.13 -24.57 16.39
N GLU B 22 -19.91 -25.26 17.24
CA GLU B 22 -21.11 -24.69 17.89
C GLU B 22 -20.73 -23.59 18.86
N GLN B 23 -19.55 -23.72 19.53
CA GLN B 23 -19.03 -22.70 20.43
C GLN B 23 -18.74 -21.43 19.63
N TRP B 24 -18.24 -21.59 18.39
CA TRP B 24 -17.95 -20.46 17.54
C TRP B 24 -19.23 -19.85 16.95
N VAL B 25 -20.27 -20.66 16.63
CA VAL B 25 -21.52 -20.08 16.09
C VAL B 25 -22.16 -19.17 17.15
N ARG B 26 -22.15 -19.59 18.43
CA ARG B 26 -22.72 -18.85 19.53
C ARG B 26 -21.93 -17.56 19.78
N GLU B 27 -20.60 -17.65 19.70
CA GLU B 27 -19.71 -16.50 19.90
C GLU B 27 -19.92 -15.45 18.82
N PHE B 28 -20.11 -15.89 17.57
CA PHE B 28 -20.26 -15.03 16.40
C PHE B 28 -21.71 -14.68 16.08
N ALA B 29 -22.68 -15.22 16.82
CA ALA B 29 -24.12 -15.01 16.59
C ALA B 29 -24.52 -13.53 16.61
N TYR B 30 -25.55 -13.20 15.81
CA TYR B 30 -26.13 -11.88 15.68
C TYR B 30 -26.67 -11.44 17.04
N GLN B 31 -26.32 -10.23 17.45
CA GLN B 31 -26.75 -9.64 18.72
C GLN B 31 -27.95 -8.72 18.45
N GLY B 32 -29.12 -9.15 18.92
CA GLY B 32 -30.37 -8.42 18.77
C GLY B 32 -30.45 -7.16 19.62
N PHE B 33 -31.46 -6.31 19.32
CA PHE B 33 -31.73 -5.05 20.03
C PHE B 33 -31.95 -5.32 21.49
N ASP B 34 -31.30 -4.52 22.34
CA ASP B 34 -31.46 -4.61 23.79
C ASP B 34 -31.70 -3.20 24.33
N ALA B 35 -32.93 -2.94 24.79
CA ALA B 35 -33.36 -1.65 25.35
C ALA B 35 -32.52 -1.23 26.57
N ARG B 36 -32.00 -2.23 27.33
CA ARG B 36 -31.17 -2.00 28.52
C ARG B 36 -29.88 -1.26 28.15
N ARG B 37 -29.28 -1.63 27.01
CA ARG B 37 -28.04 -1.03 26.50
C ARG B 37 -28.29 0.42 26.06
N VAL B 38 -29.47 0.68 25.48
CA VAL B 38 -29.86 2.03 25.04
C VAL B 38 -29.96 2.95 26.27
N ILE B 39 -30.72 2.53 27.30
CA ILE B 39 -30.90 3.31 28.54
C ILE B 39 -29.55 3.51 29.26
N GLU B 40 -28.69 2.47 29.29
CA GLU B 40 -27.37 2.54 29.90
C GLU B 40 -26.50 3.63 29.22
N LEU B 41 -26.54 3.69 27.87
CA LEU B 41 -25.78 4.68 27.12
C LEU B 41 -26.36 6.09 27.36
N LEU B 42 -27.70 6.19 27.44
CA LEU B 42 -28.40 7.45 27.73
C LEU B 42 -27.94 8.00 29.08
N LYS B 43 -27.94 7.13 30.12
CA LYS B 43 -27.51 7.48 31.48
C LYS B 43 -26.02 7.86 31.54
N GLN B 44 -25.16 7.11 30.84
CA GLN B 44 -23.71 7.31 30.78
C GLN B 44 -23.33 8.67 30.14
N TYR B 45 -23.99 9.04 29.03
CA TYR B 45 -23.69 10.28 28.31
C TYR B 45 -24.42 11.50 28.87
N GLY B 46 -25.66 11.33 29.31
CA GLY B 46 -26.48 12.43 29.78
C GLY B 46 -26.46 12.74 31.27
N GLY B 47 -26.22 11.71 32.08
CA GLY B 47 -26.24 11.86 33.54
C GLY B 47 -27.64 12.21 33.99
N ALA B 48 -27.75 13.26 34.84
CA ALA B 48 -29.01 13.79 35.37
C ALA B 48 -29.93 14.41 34.27
N ASP B 49 -29.37 14.67 33.08
CA ASP B 49 -30.10 15.27 31.95
C ASP B 49 -30.70 14.26 30.96
N TRP B 50 -30.40 12.95 31.12
CA TRP B 50 -30.82 11.91 30.17
C TRP B 50 -32.34 11.89 29.89
N GLU B 51 -33.20 12.02 30.91
CA GLU B 51 -34.66 11.97 30.75
C GLU B 51 -35.20 13.17 29.96
N LYS B 52 -34.74 14.40 30.26
CA LYS B 52 -35.18 15.60 29.54
C LYS B 52 -34.73 15.52 28.07
N ASP B 53 -33.49 15.04 27.84
CA ASP B 53 -32.95 14.90 26.50
C ASP B 53 -33.63 13.76 25.72
N ALA B 54 -34.04 12.68 26.40
CA ALA B 54 -34.72 11.56 25.76
C ALA B 54 -36.10 11.99 25.26
N LYS B 55 -36.78 12.93 25.97
CA LYS B 55 -38.07 13.50 25.57
C LYS B 55 -37.90 14.24 24.24
N LYS B 56 -36.82 15.04 24.12
CA LYS B 56 -36.47 15.81 22.93
C LYS B 56 -36.17 14.88 21.77
N MET B 57 -35.41 13.79 22.04
CA MET B 57 -35.02 12.79 21.03
C MET B 57 -36.26 11.98 20.57
N ILE B 58 -37.25 11.78 21.43
CA ILE B 58 -38.48 11.09 21.02
C ILE B 58 -39.28 12.00 20.05
N VAL B 59 -39.28 13.33 20.30
CA VAL B 59 -39.96 14.26 19.41
C VAL B 59 -39.26 14.27 18.05
N LEU B 60 -37.91 14.20 18.06
CA LEU B 60 -37.10 14.16 16.82
C LEU B 60 -37.34 12.90 16.05
N ALA B 61 -37.32 11.75 16.74
CA ALA B 61 -37.55 10.45 16.13
C ALA B 61 -38.91 10.38 15.46
N LEU B 62 -39.97 10.89 16.12
CA LEU B 62 -41.34 10.82 15.64
C LEU B 62 -41.70 11.82 14.55
N THR B 63 -41.16 13.05 14.61
CA THR B 63 -41.54 14.10 13.66
C THR B 63 -40.48 14.37 12.58
N ARG B 64 -39.22 13.96 12.81
CA ARG B 64 -38.17 14.25 11.83
C ARG B 64 -37.44 12.99 11.32
N GLY B 65 -37.51 11.89 12.06
CA GLY B 65 -36.91 10.64 11.61
C GLY B 65 -35.66 10.19 12.35
N ASN B 66 -34.85 9.41 11.64
CA ASN B 66 -33.67 8.77 12.19
C ASN B 66 -32.34 9.25 11.56
N LYS B 67 -32.30 10.46 10.99
CA LYS B 67 -31.05 10.99 10.37
C LYS B 67 -30.70 12.36 11.00
N PRO B 68 -30.04 12.34 12.18
CA PRO B 68 -29.75 13.61 12.91
C PRO B 68 -29.04 14.72 12.09
N ARG B 69 -27.97 14.39 11.35
CA ARG B 69 -27.26 15.41 10.56
C ARG B 69 -28.07 15.90 9.36
N ARG B 70 -28.84 15.01 8.72
CA ARG B 70 -29.69 15.36 7.58
C ARG B 70 -30.87 16.25 8.01
N MET B 71 -31.55 15.94 9.13
CA MET B 71 -32.71 16.74 9.58
C MET B 71 -32.29 18.16 9.98
N MET B 72 -31.03 18.33 10.44
CA MET B 72 -30.42 19.60 10.81
C MET B 72 -30.33 20.56 9.63
N MET B 73 -30.23 20.03 8.40
CA MET B 73 -30.09 20.81 7.17
C MET B 73 -31.32 21.69 6.91
N LYS B 74 -32.50 21.25 7.34
CA LYS B 74 -33.76 21.97 7.17
C LYS B 74 -34.41 22.16 8.54
N MET B 75 -33.78 23.01 9.34
CA MET B 75 -34.23 23.29 10.71
C MET B 75 -33.85 24.71 11.10
N SER B 76 -34.61 25.30 12.05
CA SER B 76 -34.34 26.64 12.60
C SER B 76 -33.01 26.64 13.33
N LYS B 77 -32.38 27.83 13.49
CA LYS B 77 -31.11 28.02 14.19
C LYS B 77 -31.17 27.38 15.62
N GLU B 78 -32.30 27.58 16.33
CA GLU B 78 -32.57 27.08 17.69
C GLU B 78 -32.59 25.56 17.71
N GLY B 79 -33.36 24.94 16.80
CA GLY B 79 -33.46 23.50 16.68
C GLY B 79 -32.13 22.86 16.33
N LYS B 80 -31.43 23.44 15.32
CA LYS B 80 -30.10 23.06 14.83
C LYS B 80 -29.10 23.00 15.99
N ALA B 81 -29.10 24.04 16.85
CA ALA B 81 -28.25 24.14 18.04
C ALA B 81 -28.57 23.04 19.06
N THR B 82 -29.88 22.74 19.26
CA THR B 82 -30.33 21.70 20.19
C THR B 82 -29.90 20.31 19.69
N VAL B 83 -30.11 20.03 18.38
CA VAL B 83 -29.77 18.73 17.78
C VAL B 83 -28.23 18.56 17.74
N GLU B 84 -27.48 19.65 17.43
CA GLU B 84 -26.01 19.61 17.41
C GLU B 84 -25.49 19.17 18.79
N ALA B 85 -26.02 19.76 19.88
CA ALA B 85 -25.66 19.44 21.25
C ALA B 85 -26.03 17.99 21.59
N LEU B 86 -27.21 17.51 21.14
CA LEU B 86 -27.66 16.13 21.36
C LEU B 86 -26.76 15.12 20.64
N ILE B 87 -26.32 15.42 19.39
CA ILE B 87 -25.42 14.55 18.63
C ILE B 87 -24.07 14.44 19.34
N ASN B 88 -23.48 15.58 19.75
CA ASN B 88 -22.18 15.60 20.43
C ASN B 88 -22.23 14.85 21.75
N LYS B 89 -23.27 15.11 22.59
CA LYS B 89 -23.40 14.49 23.90
C LYS B 89 -23.64 12.99 23.83
N TYR B 90 -24.63 12.55 23.05
CA TYR B 90 -25.02 11.13 22.99
C TYR B 90 -24.38 10.37 21.84
N LYS B 91 -23.43 11.01 21.11
CA LYS B 91 -22.70 10.44 19.95
C LYS B 91 -23.69 9.77 19.01
N LEU B 92 -24.79 10.49 18.73
CA LEU B 92 -25.89 10.01 17.91
C LEU B 92 -25.43 9.68 16.50
N LYS B 93 -25.91 8.54 16.01
CA LYS B 93 -25.63 8.06 14.67
C LYS B 93 -26.94 7.88 13.93
N GLU B 94 -26.86 7.82 12.61
CA GLU B 94 -28.00 7.56 11.74
C GLU B 94 -28.06 6.06 11.46
N GLY B 95 -29.18 5.61 10.90
CA GLY B 95 -29.38 4.24 10.46
C GLY B 95 -29.32 3.15 11.50
N ASN B 96 -28.59 2.07 11.15
CA ASN B 96 -28.46 0.87 11.93
C ASN B 96 -26.96 0.57 12.23
N PRO B 97 -26.31 1.30 13.15
CA PRO B 97 -24.88 1.03 13.41
C PRO B 97 -24.67 -0.02 14.50
N SER B 98 -23.45 -0.04 15.09
CA SER B 98 -23.08 -0.90 16.22
C SER B 98 -24.05 -0.71 17.37
N ARG B 99 -24.23 -1.75 18.20
CA ARG B 99 -25.10 -1.68 19.39
C ARG B 99 -24.47 -0.80 20.51
N ASP B 100 -23.20 -0.39 20.32
CA ASP B 100 -22.50 0.52 21.23
C ASP B 100 -22.89 1.98 20.90
N GLU B 101 -23.76 2.18 19.90
CA GLU B 101 -24.15 3.50 19.43
C GLU B 101 -25.63 3.75 19.61
N LEU B 102 -25.96 5.00 19.97
CA LEU B 102 -27.34 5.45 20.10
C LEU B 102 -27.81 6.02 18.79
N THR B 103 -29.11 5.85 18.50
CA THR B 103 -29.83 6.43 17.36
C THR B 103 -31.12 6.94 17.92
N LEU B 104 -31.77 7.88 17.22
CA LEU B 104 -33.07 8.41 17.63
C LEU B 104 -34.13 7.31 17.66
N SER B 105 -34.11 6.38 16.67
CA SER B 105 -35.04 5.25 16.60
C SER B 105 -34.87 4.30 17.78
N ARG B 106 -33.61 4.06 18.20
CA ARG B 106 -33.34 3.16 19.33
C ARG B 106 -33.82 3.78 20.64
N VAL B 107 -33.67 5.12 20.80
CA VAL B 107 -34.11 5.84 22.00
C VAL B 107 -35.63 5.70 22.09
N ALA B 108 -36.35 5.94 20.96
CA ALA B 108 -37.81 5.84 20.88
C ALA B 108 -38.28 4.40 21.14
N ALA B 109 -37.57 3.39 20.61
CA ALA B 109 -37.88 1.95 20.78
C ALA B 109 -37.69 1.48 22.22
N ALA B 110 -36.60 1.90 22.89
CA ALA B 110 -36.28 1.52 24.27
C ALA B 110 -37.25 2.15 25.28
N LEU B 111 -37.75 3.35 25.01
CA LEU B 111 -38.67 4.09 25.89
C LEU B 111 -40.04 4.20 25.20
N ALA B 112 -40.48 3.06 24.64
CA ALA B 112 -41.70 2.83 23.87
C ALA B 112 -42.98 3.29 24.62
N GLY B 113 -42.99 3.16 25.95
CA GLY B 113 -44.11 3.59 26.78
C GLY B 113 -44.38 5.08 26.66
N ARG B 114 -43.31 5.90 26.72
CA ARG B 114 -43.41 7.35 26.56
C ARG B 114 -43.68 7.71 25.10
N THR B 115 -42.97 7.04 24.17
CA THR B 115 -43.09 7.26 22.71
C THR B 115 -44.56 7.16 22.27
N CYS B 116 -45.26 6.11 22.68
CA CYS B 116 -46.65 5.86 22.32
C CYS B 116 -47.62 6.89 22.93
N GLN B 117 -47.28 7.48 24.10
CA GLN B 117 -48.11 8.52 24.72
C GLN B 117 -47.97 9.83 23.94
N ALA B 118 -46.74 10.13 23.48
CA ALA B 118 -46.42 11.32 22.69
C ALA B 118 -47.22 11.36 21.38
N LEU B 119 -47.53 10.18 20.80
CA LEU B 119 -48.25 9.98 19.54
C LEU B 119 -49.64 10.62 19.52
N VAL B 120 -50.31 10.74 20.69
CA VAL B 120 -51.65 11.34 20.77
C VAL B 120 -51.55 12.84 20.43
N VAL B 121 -50.53 13.52 20.98
CA VAL B 121 -50.29 14.94 20.77
C VAL B 121 -49.67 15.18 19.38
N LEU B 122 -48.72 14.31 18.97
CA LEU B 122 -47.92 14.46 17.74
C LEU B 122 -48.58 13.92 16.47
N SER B 123 -49.74 13.28 16.61
CA SER B 123 -50.53 12.64 15.56
C SER B 123 -50.43 13.31 14.15
N GLU B 124 -50.69 14.62 14.06
CA GLU B 124 -50.71 15.32 12.77
C GLU B 124 -49.31 15.73 12.23
N TRP B 125 -48.23 15.36 12.94
CA TRP B 125 -46.86 15.70 12.55
C TRP B 125 -46.03 14.42 12.23
N LEU B 126 -46.70 13.25 12.26
CA LEU B 126 -46.08 11.95 11.98
C LEU B 126 -46.07 11.68 10.46
N PRO B 127 -45.22 10.77 9.93
CA PRO B 127 -45.22 10.52 8.46
C PRO B 127 -46.61 10.12 7.92
N VAL B 128 -47.40 9.38 8.74
CA VAL B 128 -48.80 9.03 8.46
C VAL B 128 -49.60 9.59 9.64
N THR B 129 -50.48 10.57 9.38
CA THR B 129 -51.27 11.26 10.40
C THR B 129 -52.48 10.41 10.89
N GLY B 130 -53.00 10.79 12.06
CA GLY B 130 -54.16 10.16 12.67
C GLY B 130 -55.39 10.36 11.80
N THR B 131 -55.49 11.56 11.14
CA THR B 131 -56.56 11.93 10.21
C THR B 131 -56.54 10.93 9.04
N THR B 132 -55.35 10.62 8.48
CA THR B 132 -55.22 9.64 7.38
C THR B 132 -55.63 8.25 7.89
N MET B 133 -55.20 7.88 9.12
CA MET B 133 -55.56 6.59 9.71
C MET B 133 -57.09 6.48 9.94
N ASP B 134 -57.74 7.61 10.30
CA ASP B 134 -59.18 7.70 10.56
C ASP B 134 -59.99 7.43 9.28
N GLY B 135 -59.43 7.79 8.13
CA GLY B 135 -60.03 7.58 6.82
C GLY B 135 -60.02 6.13 6.39
N LEU B 136 -59.17 5.28 7.02
CA LEU B 136 -59.05 3.85 6.75
C LEU B 136 -59.86 3.03 7.75
N SER B 137 -59.86 3.50 9.01
CA SER B 137 -60.59 2.90 10.14
C SER B 137 -60.92 4.00 11.15
N PRO B 138 -62.22 4.23 11.46
CA PRO B 138 -62.58 5.33 12.37
C PRO B 138 -62.01 5.19 13.78
N ALA B 139 -61.66 6.36 14.38
CA ALA B 139 -61.06 6.51 15.72
C ALA B 139 -59.85 5.53 15.90
N TYR B 140 -58.98 5.48 14.86
CA TYR B 140 -57.80 4.61 14.86
C TYR B 140 -56.96 4.88 16.14
N PRO B 141 -56.52 3.83 16.87
CA PRO B 141 -55.76 4.06 18.11
C PRO B 141 -54.43 4.76 17.87
N ARG B 142 -54.37 6.02 18.33
CA ARG B 142 -53.20 6.90 18.20
C ARG B 142 -51.95 6.30 18.86
N HIS B 143 -52.12 5.47 19.91
CA HIS B 143 -51.02 4.83 20.64
C HIS B 143 -50.30 3.75 19.81
N MET B 144 -50.91 3.29 18.71
CA MET B 144 -50.35 2.25 17.83
C MET B 144 -49.58 2.83 16.64
N MET B 145 -49.58 4.15 16.48
CA MET B 145 -49.02 4.84 15.33
C MET B 145 -47.50 5.08 15.38
N HIS B 146 -46.73 4.01 15.68
CA HIS B 146 -45.26 3.96 15.66
C HIS B 146 -44.79 2.51 15.78
N PRO B 147 -43.68 2.09 15.12
CA PRO B 147 -43.22 0.69 15.27
C PRO B 147 -42.87 0.29 16.71
N SER B 148 -42.52 1.26 17.58
CA SER B 148 -42.16 1.00 18.98
C SER B 148 -43.36 0.49 19.79
N PHE B 149 -44.60 0.64 19.28
CA PHE B 149 -45.81 0.14 19.95
C PHE B 149 -45.73 -1.37 20.20
N ALA B 150 -45.08 -2.11 19.27
CA ALA B 150 -44.92 -3.57 19.37
C ALA B 150 -44.20 -3.99 20.68
N GLY B 151 -43.38 -3.09 21.23
CA GLY B 151 -42.67 -3.26 22.50
C GLY B 151 -43.57 -3.13 23.72
N MET B 152 -44.85 -2.76 23.51
CA MET B 152 -45.85 -2.59 24.57
C MET B 152 -46.90 -3.69 24.50
N VAL B 153 -46.79 -4.60 23.52
CA VAL B 153 -47.73 -5.68 23.30
C VAL B 153 -47.40 -6.89 24.18
N ASP B 154 -48.40 -7.36 24.95
CA ASP B 154 -48.33 -8.53 25.83
C ASP B 154 -48.53 -9.81 24.97
N PRO B 155 -47.46 -10.63 24.76
CA PRO B 155 -47.62 -11.85 23.95
C PRO B 155 -48.46 -12.95 24.65
N SER B 156 -48.65 -12.82 26.00
CA SER B 156 -49.40 -13.76 26.82
C SER B 156 -50.93 -13.49 26.76
N LEU B 157 -51.36 -12.43 26.02
CA LEU B 157 -52.78 -12.11 25.82
C LEU B 157 -53.47 -13.28 25.10
N PRO B 158 -54.80 -13.50 25.28
CA PRO B 158 -55.45 -14.60 24.54
C PRO B 158 -55.30 -14.39 23.03
N GLY B 159 -54.95 -15.46 22.32
CA GLY B 159 -54.69 -15.51 20.88
C GLY B 159 -55.45 -14.55 19.99
N ASP B 160 -56.79 -14.56 20.08
CA ASP B 160 -57.65 -13.69 19.26
C ASP B 160 -57.46 -12.22 19.60
N TYR B 161 -57.29 -11.90 20.91
CA TYR B 161 -57.08 -10.54 21.41
C TYR B 161 -55.71 -10.04 20.96
N LEU B 162 -54.69 -10.94 20.98
CA LEU B 162 -53.31 -10.66 20.56
C LEU B 162 -53.25 -10.38 19.05
N ARG B 163 -53.94 -11.23 18.24
CA ARG B 163 -54.00 -11.09 16.78
C ARG B 163 -54.70 -9.78 16.39
N ALA B 164 -55.77 -9.41 17.12
CA ALA B 164 -56.53 -8.17 16.89
C ALA B 164 -55.66 -6.92 17.14
N ILE B 165 -54.83 -6.94 18.21
CA ILE B 165 -53.92 -5.85 18.54
C ILE B 165 -52.84 -5.71 17.44
N LEU B 166 -52.27 -6.83 17.00
CA LEU B 166 -51.20 -6.85 15.99
C LEU B 166 -51.72 -6.51 14.60
N ASP B 167 -52.94 -6.96 14.24
CA ASP B 167 -53.55 -6.63 12.94
C ASP B 167 -53.87 -5.15 12.86
N ALA B 168 -54.46 -4.57 13.94
CA ALA B 168 -54.76 -3.15 14.05
C ALA B 168 -53.48 -2.33 13.87
N HIS B 169 -52.39 -2.69 14.60
CA HIS B 169 -51.08 -2.01 14.55
C HIS B 169 -50.47 -2.16 13.15
N SER B 170 -50.64 -3.33 12.51
CA SER B 170 -50.14 -3.63 11.15
C SER B 170 -50.78 -2.72 10.09
N LEU B 171 -52.02 -2.22 10.32
CA LEU B 171 -52.69 -1.27 9.41
C LEU B 171 -51.86 0.01 9.35
N TYR B 172 -51.31 0.46 10.51
CA TYR B 172 -50.42 1.61 10.54
C TYR B 172 -49.09 1.31 9.87
N LEU B 173 -48.47 0.18 10.24
CA LEU B 173 -47.15 -0.23 9.73
C LEU B 173 -47.14 -0.33 8.21
N LEU B 174 -48.26 -0.73 7.62
CA LEU B 174 -48.42 -0.80 6.17
C LEU B 174 -48.30 0.60 5.52
N GLN B 175 -49.04 1.60 6.06
CA GLN B 175 -49.02 2.99 5.56
C GLN B 175 -47.65 3.63 5.80
N PHE B 176 -47.14 3.50 7.05
CA PHE B 176 -45.87 4.07 7.51
C PHE B 176 -44.70 3.59 6.68
N SER B 177 -44.56 2.26 6.48
CA SER B 177 -43.46 1.66 5.71
C SER B 177 -43.43 2.19 4.28
N ARG B 178 -44.60 2.36 3.64
CA ARG B 178 -44.66 2.84 2.26
C ARG B 178 -44.28 4.32 2.17
N VAL B 179 -44.62 5.13 3.19
CA VAL B 179 -44.31 6.55 3.21
C VAL B 179 -42.78 6.74 3.42
N ILE B 180 -42.19 6.10 4.43
CA ILE B 180 -40.75 6.31 4.72
C ILE B 180 -39.83 5.48 3.80
N ASN B 181 -40.32 4.37 3.20
CA ASN B 181 -39.56 3.53 2.26
C ASN B 181 -40.23 3.59 0.88
N PRO B 182 -39.75 4.47 -0.03
CA PRO B 182 -40.42 4.64 -1.33
C PRO B 182 -40.41 3.43 -2.28
N ASN B 183 -39.50 2.43 -2.10
CA ASN B 183 -39.52 1.26 -2.99
C ASN B 183 -40.68 0.28 -2.66
N LEU B 184 -41.27 0.41 -1.45
CA LEU B 184 -42.40 -0.42 -1.00
C LEU B 184 -43.76 0.09 -1.52
N ARG B 185 -43.81 1.36 -2.00
CA ARG B 185 -45.01 2.03 -2.52
C ARG B 185 -45.73 1.25 -3.64
N GLY B 186 -44.97 0.56 -4.50
CA GLY B 186 -45.54 -0.24 -5.58
C GLY B 186 -45.72 -1.71 -5.29
N ARG B 187 -45.44 -2.15 -4.03
CA ARG B 187 -45.53 -3.55 -3.60
C ARG B 187 -46.86 -3.84 -2.87
N THR B 188 -47.27 -5.12 -2.85
CA THR B 188 -48.51 -5.59 -2.22
C THR B 188 -48.45 -5.52 -0.70
N LYS B 189 -49.62 -5.61 -0.02
CA LYS B 189 -49.71 -5.61 1.45
C LYS B 189 -48.78 -6.68 2.07
N GLU B 190 -48.81 -7.89 1.49
CA GLU B 190 -48.01 -9.04 1.93
C GLU B 190 -46.49 -8.80 1.80
N GLU B 191 -46.07 -8.08 0.74
CA GLU B 191 -44.66 -7.75 0.50
C GLU B 191 -44.16 -6.71 1.49
N VAL B 192 -44.99 -5.70 1.78
CA VAL B 192 -44.68 -4.66 2.74
C VAL B 192 -44.61 -5.31 4.14
N ALA B 193 -45.61 -6.14 4.49
CA ALA B 193 -45.70 -6.84 5.77
C ALA B 193 -44.45 -7.70 6.03
N ALA B 194 -43.84 -8.23 4.95
CA ALA B 194 -42.64 -9.05 5.00
C ALA B 194 -41.40 -8.24 5.43
N THR B 195 -41.49 -6.90 5.45
CA THR B 195 -40.41 -6.02 5.90
C THR B 195 -40.62 -5.53 7.35
N PHE B 196 -41.85 -5.66 7.89
CA PHE B 196 -42.07 -5.15 9.25
C PHE B 196 -42.46 -6.22 10.28
N THR B 197 -42.84 -7.44 9.86
CA THR B 197 -43.27 -8.48 10.80
C THR B 197 -42.13 -8.99 11.71
N GLN B 198 -40.92 -9.24 11.18
CA GLN B 198 -39.79 -9.72 12.01
C GLN B 198 -39.38 -8.70 13.09
N PRO B 199 -39.12 -7.39 12.81
CA PRO B 199 -38.82 -6.45 13.91
C PRO B 199 -40.01 -6.24 14.87
N MET B 200 -41.26 -6.32 14.35
CA MET B 200 -42.48 -6.20 15.18
C MET B 200 -42.55 -7.37 16.18
N ASN B 201 -42.43 -8.61 15.70
CA ASN B 201 -42.49 -9.82 16.52
C ASN B 201 -41.32 -9.88 17.51
N ALA B 202 -40.14 -9.37 17.12
CA ALA B 202 -38.97 -9.33 18.00
C ALA B 202 -39.25 -8.42 19.21
N ALA B 203 -39.95 -7.29 18.97
CA ALA B 203 -40.33 -6.35 20.03
C ALA B 203 -41.43 -6.97 20.93
N VAL B 204 -42.44 -7.61 20.30
CA VAL B 204 -43.56 -8.30 20.97
C VAL B 204 -43.04 -9.39 21.93
N ASN B 205 -41.99 -10.14 21.49
CA ASN B 205 -41.44 -11.28 22.24
C ASN B 205 -40.16 -10.97 23.05
N SER B 206 -39.74 -9.70 23.12
CA SER B 206 -38.53 -9.35 23.88
C SER B 206 -38.75 -9.51 25.39
N ASN B 207 -37.66 -9.56 26.16
CA ASN B 207 -37.78 -9.71 27.61
C ASN B 207 -37.84 -8.33 28.31
N PHE B 208 -37.82 -7.23 27.54
CA PHE B 208 -37.85 -5.88 28.10
C PHE B 208 -39.28 -5.43 28.40
N ILE B 209 -39.53 -5.14 29.70
CA ILE B 209 -40.81 -4.77 30.31
C ILE B 209 -41.69 -6.04 30.32
N SER B 210 -42.05 -6.50 31.52
CA SER B 210 -42.82 -7.71 31.75
C SER B 210 -44.18 -7.69 31.06
N HIS B 211 -44.75 -8.88 30.87
CA HIS B 211 -46.07 -9.12 30.27
C HIS B 211 -47.14 -8.27 31.00
N GLU B 212 -47.11 -8.31 32.35
CA GLU B 212 -48.02 -7.64 33.27
C GLU B 212 -47.92 -6.11 33.14
N LYS B 213 -46.69 -5.56 33.11
CA LYS B 213 -46.47 -4.11 32.96
C LYS B 213 -46.90 -3.65 31.58
N ARG B 214 -46.67 -4.48 30.53
CA ARG B 214 -47.10 -4.22 29.16
C ARG B 214 -48.63 -4.15 29.08
N ARG B 215 -49.33 -5.09 29.75
CA ARG B 215 -50.80 -5.11 29.74
C ARG B 215 -51.37 -3.90 30.51
N GLU B 216 -50.65 -3.42 31.55
CA GLU B 216 -51.03 -2.23 32.33
C GLU B 216 -50.97 -0.99 31.43
N PHE B 217 -49.99 -0.94 30.50
CA PHE B 217 -49.84 0.14 29.52
C PHE B 217 -50.99 0.11 28.51
N LEU B 218 -51.30 -1.08 27.94
CA LEU B 218 -52.40 -1.28 26.98
C LEU B 218 -53.76 -0.88 27.59
N LYS B 219 -53.98 -1.19 28.88
CA LYS B 219 -55.20 -0.82 29.62
C LYS B 219 -55.26 0.70 29.86
N ALA B 220 -54.15 1.30 30.30
CA ALA B 220 -54.03 2.74 30.56
C ALA B 220 -54.17 3.55 29.25
N PHE B 221 -53.70 3.00 28.10
CA PHE B 221 -53.82 3.66 26.78
C PHE B 221 -55.23 3.46 26.18
N GLY B 222 -56.05 2.65 26.85
CA GLY B 222 -57.42 2.35 26.45
C GLY B 222 -57.53 1.39 25.27
N LEU B 223 -56.49 0.55 25.07
CA LEU B 223 -56.43 -0.43 23.97
C LEU B 223 -57.12 -1.74 24.34
N VAL B 224 -56.99 -2.18 25.62
CA VAL B 224 -57.64 -3.39 26.12
C VAL B 224 -58.32 -3.11 27.47
N ASP B 225 -59.43 -3.83 27.76
CA ASP B 225 -60.14 -3.67 29.03
C ASP B 225 -59.43 -4.48 30.14
N SER B 226 -60.05 -4.60 31.33
CA SER B 226 -59.54 -5.33 32.49
C SER B 226 -59.23 -6.81 32.18
N ASN B 227 -59.98 -7.42 31.23
CA ASN B 227 -59.82 -8.82 30.83
C ASN B 227 -58.89 -8.98 29.62
N GLY B 228 -58.32 -7.88 29.16
CA GLY B 228 -57.43 -7.88 28.01
C GLY B 228 -58.12 -7.90 26.66
N LYS B 229 -59.46 -7.68 26.65
CA LYS B 229 -60.25 -7.63 25.42
C LYS B 229 -60.03 -6.29 24.71
N PRO B 230 -59.63 -6.30 23.41
CA PRO B 230 -59.36 -5.05 22.70
C PRO B 230 -60.59 -4.16 22.56
N SER B 231 -60.35 -2.83 22.45
CA SER B 231 -61.42 -1.84 22.30
C SER B 231 -62.09 -1.99 20.93
N ALA B 232 -63.28 -1.37 20.76
CA ALA B 232 -64.03 -1.43 19.50
C ALA B 232 -63.19 -0.83 18.36
N ALA B 233 -62.43 0.23 18.68
CA ALA B 233 -61.52 0.91 17.74
C ALA B 233 -60.41 -0.03 17.23
N VAL B 234 -59.84 -0.89 18.12
CA VAL B 234 -58.81 -1.88 17.79
C VAL B 234 -59.43 -2.96 16.86
N MET B 235 -60.65 -3.44 17.20
CA MET B 235 -61.38 -4.47 16.43
C MET B 235 -61.66 -3.98 15.00
N ALA B 236 -62.13 -2.72 14.86
CA ALA B 236 -62.44 -2.07 13.59
C ALA B 236 -61.19 -1.94 12.70
N ALA B 237 -60.03 -1.58 13.29
CA ALA B 237 -58.76 -1.46 12.57
C ALA B 237 -58.27 -2.87 12.16
N ALA B 238 -58.31 -3.87 13.08
CA ALA B 238 -57.95 -5.28 12.80
C ALA B 238 -58.73 -5.79 11.58
N GLN B 239 -60.04 -5.49 11.51
CA GLN B 239 -60.94 -5.85 10.42
C GLN B 239 -60.58 -5.06 9.13
N ALA B 240 -60.26 -3.76 9.27
CA ALA B 240 -59.90 -2.90 8.14
C ALA B 240 -58.57 -3.36 7.48
N TYR B 241 -57.63 -3.96 8.27
CA TYR B 241 -56.34 -4.51 7.79
C TYR B 241 -56.58 -5.68 6.82
N LYS B 242 -57.64 -6.48 7.07
CA LYS B 242 -58.01 -7.65 6.24
C LYS B 242 -58.32 -7.26 4.80
N THR B 243 -58.99 -6.10 4.59
CA THR B 243 -59.40 -5.62 3.26
C THR B 243 -58.47 -4.51 2.72
N ALA B 244 -57.44 -4.11 3.48
CA ALA B 244 -56.45 -3.12 3.04
C ALA B 244 -55.60 -3.65 1.87
N ALA B 245 -55.27 -2.77 0.90
CA ALA B 245 -54.45 -3.11 -0.27
C ALA B 245 -52.98 -2.76 -0.02
N ASP C 2 -3.25 26.27 -4.01
CA ASP C 2 -3.73 27.65 -4.21
C ASP C 2 -2.79 28.65 -3.50
N ASN C 3 -2.61 28.52 -2.17
CA ASN C 3 -1.70 29.35 -1.37
C ASN C 3 -0.42 28.56 -1.17
N TYR C 4 0.51 28.67 -2.13
CA TYR C 4 1.74 27.90 -2.18
C TYR C 4 2.68 28.17 -1.02
N GLN C 5 2.74 29.41 -0.54
CA GLN C 5 3.60 29.76 0.60
C GLN C 5 3.10 29.05 1.85
N GLU C 6 1.77 29.03 2.07
CA GLU C 6 1.15 28.36 3.20
C GLU C 6 1.34 26.85 3.14
N LEU C 7 1.25 26.27 1.94
CA LEU C 7 1.45 24.83 1.69
C LEU C 7 2.86 24.44 2.06
N ALA C 8 3.86 25.28 1.69
CA ALA C 8 5.25 25.06 2.02
C ALA C 8 5.50 25.17 3.53
N ILE C 9 4.85 26.14 4.20
CA ILE C 9 4.96 26.37 5.65
C ILE C 9 4.33 25.20 6.43
N GLN C 10 3.07 24.80 6.09
CA GLN C 10 2.37 23.68 6.72
C GLN C 10 3.18 22.38 6.59
N PHE C 11 3.79 22.15 5.39
CA PHE C 11 4.63 20.99 5.10
C PHE C 11 5.88 21.00 6.01
N ALA C 12 6.52 22.17 6.19
CA ALA C 12 7.70 22.32 7.04
C ALA C 12 7.33 22.30 8.54
N ALA C 13 6.02 22.45 8.88
CA ALA C 13 5.56 22.41 10.27
C ALA C 13 5.64 21.00 10.83
N GLN C 14 5.34 19.95 10.03
CA GLN C 14 5.43 18.55 10.47
C GLN C 14 6.88 18.25 10.89
N ALA C 15 7.11 17.73 12.13
CA ALA C 15 8.49 17.47 12.56
C ALA C 15 9.05 16.24 11.86
N VAL C 16 10.38 16.19 11.75
CA VAL C 16 11.06 15.07 11.10
C VAL C 16 11.04 13.87 12.05
N ASP C 17 10.44 12.77 11.58
CA ASP C 17 10.34 11.48 12.30
C ASP C 17 11.61 10.70 11.93
N ARG C 18 12.59 10.63 12.86
CA ARG C 18 13.89 9.97 12.70
C ARG C 18 13.76 8.54 12.14
N ASN C 19 12.83 7.75 12.70
CA ASN C 19 12.59 6.36 12.32
C ASN C 19 12.11 6.25 10.88
N GLU C 20 11.16 7.10 10.48
CA GLU C 20 10.58 7.14 9.15
C GLU C 20 11.63 7.56 8.10
N ILE C 21 12.37 8.65 8.36
CA ILE C 21 13.36 9.18 7.45
C ILE C 21 14.51 8.18 7.26
N GLU C 22 14.99 7.53 8.36
CA GLU C 22 16.06 6.55 8.30
C GLU C 22 15.63 5.30 7.54
N GLN C 23 14.35 4.93 7.63
CA GLN C 23 13.78 3.81 6.88
C GLN C 23 13.88 4.13 5.36
N TRP C 24 13.65 5.41 4.98
CA TRP C 24 13.79 5.86 3.59
C TRP C 24 15.25 5.91 3.15
N VAL C 25 16.19 6.33 4.03
CA VAL C 25 17.59 6.40 3.62
C VAL C 25 18.10 4.99 3.31
N ARG C 26 17.72 3.99 4.13
CA ARG C 26 18.15 2.60 3.94
C ARG C 26 17.56 2.01 2.65
N GLU C 27 16.27 2.32 2.37
CA GLU C 27 15.58 1.86 1.18
C GLU C 27 16.21 2.43 -0.08
N PHE C 28 16.63 3.71 -0.03
CA PHE C 28 17.19 4.42 -1.17
C PHE C 28 18.72 4.36 -1.23
N ALA C 29 19.38 3.74 -0.23
CA ALA C 29 20.84 3.68 -0.12
C ALA C 29 21.51 3.08 -1.34
N TYR C 30 22.75 3.52 -1.60
CA TYR C 30 23.58 3.02 -2.69
C TYR C 30 23.82 1.52 -2.45
N GLN C 31 23.54 0.70 -3.48
CA GLN C 31 23.72 -0.73 -3.40
C GLN C 31 25.07 -1.09 -3.99
N GLY C 32 25.98 -1.51 -3.12
CA GLY C 32 27.34 -1.91 -3.50
C GLY C 32 27.38 -3.20 -4.29
N PHE C 33 28.54 -3.47 -4.89
CA PHE C 33 28.78 -4.68 -5.68
C PHE C 33 28.54 -5.89 -4.83
N ASP C 34 27.78 -6.86 -5.38
CA ASP C 34 27.51 -8.12 -4.71
C ASP C 34 27.84 -9.24 -5.68
N ALA C 35 28.90 -9.99 -5.38
CA ALA C 35 29.37 -11.12 -6.19
C ALA C 35 28.28 -12.20 -6.35
N ARG C 36 27.40 -12.37 -5.36
CA ARG C 36 26.30 -13.35 -5.39
C ARG C 36 25.33 -13.07 -6.54
N ARG C 37 25.04 -11.77 -6.79
CA ARG C 37 24.14 -11.34 -7.86
C ARG C 37 24.78 -11.61 -9.23
N VAL C 38 26.10 -11.43 -9.34
CA VAL C 38 26.84 -11.67 -10.58
C VAL C 38 26.75 -13.16 -10.93
N ILE C 39 27.06 -14.06 -9.96
CA ILE C 39 27.06 -15.51 -10.15
C ILE C 39 25.62 -15.98 -10.47
N GLU C 40 24.60 -15.40 -9.79
CA GLU C 40 23.20 -15.73 -10.02
C GLU C 40 22.81 -15.42 -11.47
N LEU C 41 23.23 -14.26 -11.99
CA LEU C 41 22.94 -13.87 -13.38
C LEU C 41 23.69 -14.77 -14.36
N LEU C 42 24.95 -15.13 -14.03
CA LEU C 42 25.77 -16.07 -14.83
C LEU C 42 25.07 -17.41 -14.96
N LYS C 43 24.61 -17.97 -13.82
CA LYS C 43 23.87 -19.24 -13.76
C LYS C 43 22.55 -19.19 -14.53
N GLN C 44 21.78 -18.08 -14.37
CA GLN C 44 20.48 -17.86 -14.99
C GLN C 44 20.57 -17.81 -16.53
N TYR C 45 21.56 -17.10 -17.06
CA TYR C 45 21.73 -16.94 -18.51
C TYR C 45 22.51 -18.06 -19.15
N GLY C 46 23.52 -18.58 -18.46
CA GLY C 46 24.43 -19.59 -18.96
C GLY C 46 24.08 -21.04 -18.75
N GLY C 47 23.32 -21.32 -17.67
CA GLY C 47 22.94 -22.68 -17.31
C GLY C 47 24.18 -23.50 -17.04
N ALA C 48 24.23 -24.69 -17.64
CA ALA C 48 25.34 -25.64 -17.52
C ALA C 48 26.66 -25.11 -18.15
N ASP C 49 26.56 -24.04 -18.97
CA ASP C 49 27.71 -23.45 -19.67
C ASP C 49 28.35 -22.28 -18.94
N TRP C 50 27.77 -21.81 -17.82
CA TRP C 50 28.22 -20.59 -17.13
C TRP C 50 29.71 -20.62 -16.75
N GLU C 51 30.23 -21.74 -16.24
CA GLU C 51 31.64 -21.85 -15.80
C GLU C 51 32.62 -21.76 -16.97
N LYS C 52 32.36 -22.47 -18.09
CA LYS C 52 33.21 -22.41 -19.27
C LYS C 52 33.18 -20.99 -19.88
N ASP C 53 31.99 -20.36 -19.92
CA ASP C 53 31.84 -19.01 -20.44
C ASP C 53 32.48 -17.96 -19.52
N ALA C 54 32.43 -18.17 -18.19
CA ALA C 54 33.05 -17.25 -17.22
C ALA C 54 34.56 -17.25 -17.39
N LYS C 55 35.17 -18.42 -17.75
CA LYS C 55 36.62 -18.54 -18.03
C LYS C 55 36.97 -17.66 -19.23
N LYS C 56 36.14 -17.70 -20.29
CA LYS C 56 36.31 -16.90 -21.50
C LYS C 56 36.20 -15.41 -21.19
N MET C 57 35.19 -15.00 -20.37
CA MET C 57 34.94 -13.62 -19.99
C MET C 57 36.06 -13.09 -19.09
N ILE C 58 36.72 -13.98 -18.30
CA ILE C 58 37.88 -13.59 -17.47
C ILE C 58 39.07 -13.28 -18.41
N VAL C 59 39.28 -14.09 -19.46
CA VAL C 59 40.36 -13.84 -20.44
C VAL C 59 40.07 -12.52 -21.18
N LEU C 60 38.80 -12.30 -21.56
CA LEU C 60 38.40 -11.07 -22.26
C LEU C 60 38.58 -9.84 -21.38
N ALA C 61 38.14 -9.91 -20.10
CA ALA C 61 38.26 -8.84 -19.11
C ALA C 61 39.73 -8.46 -18.88
N LEU C 62 40.60 -9.48 -18.73
CA LEU C 62 42.02 -9.26 -18.42
C LEU C 62 42.87 -8.80 -19.61
N THR C 63 42.58 -9.29 -20.84
CA THR C 63 43.43 -8.97 -22.00
C THR C 63 42.81 -7.94 -22.94
N ARG C 64 41.48 -7.74 -22.91
CA ARG C 64 40.86 -6.79 -23.84
C ARG C 64 40.08 -5.66 -23.13
N GLY C 65 39.72 -5.84 -21.85
CA GLY C 65 39.02 -4.82 -21.10
C GLY C 65 37.53 -5.03 -20.86
N ASN C 66 36.83 -3.91 -20.66
CA ASN C 66 35.43 -3.92 -20.24
C ASN C 66 34.45 -3.32 -21.28
N LYS C 67 34.80 -3.32 -22.57
CA LYS C 67 33.91 -2.77 -23.62
C LYS C 67 33.68 -3.84 -24.72
N PRO C 68 32.71 -4.77 -24.48
CA PRO C 68 32.49 -5.88 -25.41
C PRO C 68 32.29 -5.49 -26.89
N ARG C 69 31.45 -4.49 -27.19
CA ARG C 69 31.22 -4.09 -28.59
C ARG C 69 32.43 -3.40 -29.21
N ARG C 70 33.17 -2.61 -28.42
CA ARG C 70 34.37 -1.91 -28.88
C ARG C 70 35.52 -2.90 -29.17
N MET C 71 35.77 -3.88 -28.28
CA MET C 71 36.87 -4.85 -28.48
C MET C 71 36.63 -5.72 -29.73
N MET C 72 35.35 -5.96 -30.08
CA MET C 72 34.90 -6.71 -31.26
C MET C 72 35.34 -6.06 -32.56
N MET C 73 35.52 -4.73 -32.57
CA MET C 73 35.93 -3.95 -33.73
C MET C 73 37.34 -4.34 -34.23
N LYS C 74 38.23 -4.79 -33.30
CA LYS C 74 39.60 -5.18 -33.62
C LYS C 74 39.82 -6.60 -33.14
N MET C 75 39.16 -7.54 -33.81
CA MET C 75 39.19 -8.94 -33.43
C MET C 75 38.99 -9.83 -34.64
N SER C 76 39.52 -11.07 -34.58
CA SER C 76 39.36 -12.07 -35.64
C SER C 76 37.89 -12.46 -35.76
N LYS C 77 37.48 -12.99 -36.92
CA LYS C 77 36.12 -13.46 -37.21
C LYS C 77 35.64 -14.44 -36.11
N GLU C 78 36.52 -15.37 -35.70
CA GLU C 78 36.29 -16.41 -34.67
C GLU C 78 36.01 -15.77 -33.30
N GLY C 79 36.88 -14.86 -32.87
CA GLY C 79 36.74 -14.14 -31.61
C GLY C 79 35.47 -13.31 -31.57
N LYS C 80 35.23 -12.54 -32.67
CA LYS C 80 34.05 -11.70 -32.90
C LYS C 80 32.77 -12.51 -32.70
N ALA C 81 32.71 -13.71 -33.30
CA ALA C 81 31.57 -14.63 -33.20
C ALA C 81 31.37 -15.12 -31.75
N THR C 82 32.48 -15.42 -31.03
CA THR C 82 32.42 -15.87 -29.63
C THR C 82 31.92 -14.74 -28.72
N VAL C 83 32.45 -13.51 -28.90
CA VAL C 83 32.05 -12.35 -28.08
C VAL C 83 30.58 -11.97 -28.39
N GLU C 84 30.17 -12.01 -29.68
CA GLU C 84 28.79 -11.71 -30.08
C GLU C 84 27.81 -12.66 -29.34
N ALA C 85 28.12 -13.95 -29.32
CA ALA C 85 27.31 -14.97 -28.63
C ALA C 85 27.28 -14.71 -27.11
N LEU C 86 28.44 -14.33 -26.52
CA LEU C 86 28.54 -14.03 -25.08
C LEU C 86 27.69 -12.80 -24.72
N ILE C 87 27.69 -11.74 -25.58
CA ILE C 87 26.90 -10.52 -25.36
C ILE C 87 25.41 -10.85 -25.38
N ASN C 88 24.96 -11.59 -26.40
CA ASN C 88 23.55 -11.96 -26.54
C ASN C 88 23.08 -12.83 -25.38
N LYS C 89 23.88 -13.86 -24.99
CA LYS C 89 23.51 -14.80 -23.93
C LYS C 89 23.45 -14.13 -22.56
N TYR C 90 24.52 -13.43 -22.16
CA TYR C 90 24.64 -12.84 -20.82
C TYR C 90 24.20 -11.37 -20.75
N LYS C 91 23.64 -10.84 -21.86
CA LYS C 91 23.18 -9.45 -22.01
C LYS C 91 24.27 -8.50 -21.47
N LEU C 92 25.52 -8.77 -21.91
CA LEU C 92 26.70 -8.04 -21.47
C LEU C 92 26.61 -6.57 -21.83
N LYS C 93 26.98 -5.74 -20.87
CA LYS C 93 27.03 -4.30 -21.02
C LYS C 93 28.44 -3.83 -20.76
N GLU C 94 28.75 -2.63 -21.21
CA GLU C 94 30.02 -1.96 -20.97
C GLU C 94 29.87 -1.07 -19.72
N GLY C 95 30.99 -0.61 -19.19
CA GLY C 95 31.04 0.33 -18.08
C GLY C 95 30.45 -0.10 -16.77
N ASN C 96 29.66 0.81 -16.17
CA ASN C 96 29.08 0.66 -14.84
C ASN C 96 27.55 0.80 -14.89
N PRO C 97 26.80 -0.21 -15.38
CA PRO C 97 25.35 -0.06 -15.46
C PRO C 97 24.63 -0.53 -14.19
N SER C 98 23.32 -0.80 -14.31
CA SER C 98 22.48 -1.34 -13.23
C SER C 98 23.09 -2.66 -12.70
N ARG C 99 22.85 -2.97 -11.41
CA ARG C 99 23.32 -4.21 -10.78
C ARG C 99 22.58 -5.45 -11.34
N ASP C 100 21.51 -5.22 -12.12
CA ASP C 100 20.77 -6.29 -12.80
C ASP C 100 21.49 -6.71 -14.10
N GLU C 101 22.63 -6.07 -14.40
CA GLU C 101 23.39 -6.29 -15.62
C GLU C 101 24.76 -6.85 -15.38
N LEU C 102 25.22 -7.68 -16.32
CA LEU C 102 26.56 -8.26 -16.31
C LEU C 102 27.52 -7.41 -17.15
N THR C 103 28.76 -7.36 -16.68
CA THR C 103 29.89 -6.76 -17.38
C THR C 103 31.04 -7.73 -17.26
N LEU C 104 32.03 -7.64 -18.15
CA LEU C 104 33.23 -8.48 -18.08
C LEU C 104 34.01 -8.21 -16.78
N SER C 105 34.09 -6.95 -16.34
CA SER C 105 34.76 -6.57 -15.10
C SER C 105 34.07 -7.17 -13.87
N ARG C 106 32.73 -7.22 -13.87
CA ARG C 106 31.97 -7.78 -12.75
C ARG C 106 32.15 -9.27 -12.66
N VAL C 107 32.24 -9.97 -13.82
CA VAL C 107 32.46 -11.42 -13.89
C VAL C 107 33.83 -11.72 -13.26
N ALA C 108 34.87 -10.96 -13.68
CA ALA C 108 36.23 -11.11 -13.17
C ALA C 108 36.32 -10.82 -11.66
N ALA C 109 35.59 -9.78 -11.20
CA ALA C 109 35.57 -9.37 -9.79
C ALA C 109 34.88 -10.40 -8.87
N ALA C 110 33.75 -10.98 -9.34
CA ALA C 110 32.98 -11.96 -8.56
C ALA C 110 33.74 -13.29 -8.42
N LEU C 111 34.52 -13.66 -9.43
CA LEU C 111 35.25 -14.94 -9.42
C LEU C 111 36.76 -14.65 -9.34
N ALA C 112 37.12 -13.82 -8.32
CA ALA C 112 38.46 -13.30 -8.06
C ALA C 112 39.51 -14.40 -7.85
N GLY C 113 39.11 -15.51 -7.24
CA GLY C 113 39.99 -16.66 -6.99
C GLY C 113 40.56 -17.21 -8.28
N ARG C 114 39.67 -17.42 -9.27
CA ARG C 114 40.05 -17.88 -10.61
C ARG C 114 40.79 -16.77 -11.39
N THR C 115 40.31 -15.52 -11.34
CA THR C 115 40.90 -14.37 -12.06
C THR C 115 42.37 -14.20 -11.71
N CYS C 116 42.69 -14.26 -10.40
CA CYS C 116 44.06 -14.06 -9.93
C CYS C 116 45.00 -15.20 -10.33
N GLN C 117 44.47 -16.42 -10.54
CA GLN C 117 45.26 -17.57 -10.99
C GLN C 117 45.59 -17.41 -12.48
N ALA C 118 44.62 -16.89 -13.27
CA ALA C 118 44.76 -16.64 -14.70
C ALA C 118 45.88 -15.63 -14.99
N LEU C 119 46.11 -14.65 -14.06
CA LEU C 119 47.13 -13.60 -14.14
C LEU C 119 48.56 -14.09 -14.30
N VAL C 120 48.89 -15.28 -13.78
CA VAL C 120 50.22 -15.86 -13.90
C VAL C 120 50.50 -16.21 -15.37
N VAL C 121 49.50 -16.82 -16.06
CA VAL C 121 49.57 -17.22 -17.46
C VAL C 121 49.45 -15.99 -18.38
N LEU C 122 48.54 -15.05 -18.05
CA LEU C 122 48.21 -13.88 -18.87
C LEU C 122 49.11 -12.65 -18.68
N SER C 123 50.03 -12.72 -17.70
CA SER C 123 50.97 -11.66 -17.31
C SER C 123 51.41 -10.70 -18.48
N GLU C 124 51.92 -11.25 -19.58
CA GLU C 124 52.44 -10.45 -20.70
C GLU C 124 51.38 -9.91 -21.67
N TRP C 125 50.09 -10.14 -21.37
CA TRP C 125 49.00 -9.66 -22.21
C TRP C 125 48.09 -8.66 -21.46
N LEU C 126 48.47 -8.31 -20.21
CA LEU C 126 47.73 -7.38 -19.37
C LEU C 126 48.08 -5.92 -19.70
N PRO C 127 47.24 -4.89 -19.34
CA PRO C 127 47.62 -3.48 -19.66
C PRO C 127 48.97 -3.08 -19.06
N VAL C 128 49.32 -3.64 -17.90
CA VAL C 128 50.65 -3.48 -17.26
C VAL C 128 51.17 -4.90 -17.06
N THR C 129 52.24 -5.28 -17.77
CA THR C 129 52.80 -6.63 -17.77
C THR C 129 53.64 -6.94 -16.50
N GLY C 130 53.92 -8.23 -16.29
CA GLY C 130 54.72 -8.76 -15.20
C GLY C 130 56.15 -8.25 -15.27
N THR C 131 56.70 -8.21 -16.49
CA THR C 131 58.04 -7.70 -16.82
C THR C 131 58.15 -6.23 -16.39
N THR C 132 57.13 -5.41 -16.71
CA THR C 132 57.06 -3.99 -16.33
C THR C 132 57.04 -3.88 -14.79
N MET C 133 56.22 -4.71 -14.12
CA MET C 133 56.14 -4.71 -12.65
C MET C 133 57.48 -5.13 -12.00
N ASP C 134 58.22 -6.05 -12.65
CA ASP C 134 59.52 -6.55 -12.18
C ASP C 134 60.58 -5.45 -12.18
N GLY C 135 60.44 -4.49 -13.11
CA GLY C 135 61.31 -3.32 -13.21
C GLY C 135 61.12 -2.32 -12.08
N LEU C 136 59.97 -2.38 -11.38
CA LEU C 136 59.64 -1.49 -10.25
C LEU C 136 59.95 -2.17 -8.92
N SER C 137 59.73 -3.48 -8.86
CA SER C 137 59.96 -4.31 -7.69
C SER C 137 60.24 -5.75 -8.16
N PRO C 138 61.45 -6.31 -7.87
CA PRO C 138 61.78 -7.66 -8.38
C PRO C 138 60.81 -8.73 -7.88
N ALA C 139 60.53 -9.71 -8.78
CA ALA C 139 59.61 -10.85 -8.55
C ALA C 139 58.26 -10.36 -8.03
N TYR C 140 57.71 -9.30 -8.66
CA TYR C 140 56.41 -8.74 -8.26
C TYR C 140 55.33 -9.85 -8.29
N PRO C 141 54.50 -9.96 -7.22
CA PRO C 141 53.49 -11.05 -7.19
C PRO C 141 52.45 -10.93 -8.31
N ARG C 142 52.51 -11.88 -9.26
CA ARG C 142 51.63 -11.96 -10.43
C ARG C 142 50.14 -12.08 -10.03
N HIS C 143 49.85 -12.67 -8.86
CA HIS C 143 48.47 -12.85 -8.36
C HIS C 143 47.81 -11.53 -7.93
N MET C 144 48.62 -10.46 -7.74
CA MET C 144 48.13 -9.14 -7.33
C MET C 144 47.84 -8.22 -8.51
N MET C 145 48.13 -8.70 -9.73
CA MET C 145 48.08 -7.89 -10.95
C MET C 145 46.68 -7.72 -11.57
N HIS C 146 45.69 -7.37 -10.74
CA HIS C 146 44.30 -7.07 -11.15
C HIS C 146 43.54 -6.46 -9.97
N PRO C 147 42.60 -5.50 -10.17
CA PRO C 147 41.85 -4.96 -9.02
C PRO C 147 41.04 -6.01 -8.25
N SER C 148 40.65 -7.13 -8.89
CA SER C 148 39.87 -8.20 -8.25
C SER C 148 40.66 -8.93 -7.14
N PHE C 149 42.01 -8.78 -7.10
CA PHE C 149 42.86 -9.37 -6.05
C PHE C 149 42.41 -8.92 -4.65
N ALA C 150 41.86 -7.70 -4.52
CA ALA C 150 41.41 -7.15 -3.25
C ALA C 150 40.29 -8.03 -2.63
N GLY C 151 39.55 -8.73 -3.48
CA GLY C 151 38.51 -9.68 -3.08
C GLY C 151 39.05 -10.96 -2.46
N MET C 152 40.39 -11.15 -2.48
CA MET C 152 41.07 -12.31 -1.91
C MET C 152 41.87 -11.93 -0.64
N VAL C 153 41.81 -10.65 -0.26
CA VAL C 153 42.52 -10.13 0.91
C VAL C 153 41.71 -10.35 2.20
N ASP C 154 42.34 -11.01 3.19
CA ASP C 154 41.78 -11.25 4.53
C ASP C 154 41.93 -9.97 5.38
N PRO C 155 40.82 -9.27 5.71
CA PRO C 155 40.94 -8.03 6.49
C PRO C 155 41.31 -8.25 7.97
N SER C 156 41.18 -9.51 8.46
CA SER C 156 41.47 -9.89 9.85
C SER C 156 42.97 -10.14 10.08
N LEU C 157 43.81 -10.04 9.02
CA LEU C 157 45.26 -10.19 9.10
C LEU C 157 45.85 -9.12 10.04
N PRO C 158 47.01 -9.37 10.72
CA PRO C 158 47.58 -8.32 11.57
C PRO C 158 47.87 -7.06 10.75
N GLY C 159 47.50 -5.89 11.30
CA GLY C 159 47.62 -4.57 10.69
C GLY C 159 48.78 -4.32 9.75
N ASP C 160 50.01 -4.60 10.20
CA ASP C 160 51.23 -4.38 9.39
C ASP C 160 51.27 -5.32 8.19
N TYR C 161 50.85 -6.58 8.38
CA TYR C 161 50.81 -7.60 7.33
C TYR C 161 49.75 -7.23 6.30
N LEU C 162 48.59 -6.72 6.77
CA LEU C 162 47.47 -6.28 5.93
C LEU C 162 47.87 -5.06 5.09
N ARG C 163 48.53 -4.06 5.72
CA ARG C 163 49.00 -2.85 5.04
C ARG C 163 50.06 -3.19 4.00
N ALA C 164 50.97 -4.15 4.29
CA ALA C 164 52.01 -4.60 3.36
C ALA C 164 51.40 -5.26 2.09
N ILE C 165 50.33 -6.07 2.25
CA ILE C 165 49.63 -6.73 1.14
C ILE C 165 48.94 -5.66 0.27
N LEU C 166 48.25 -4.69 0.92
CA LEU C 166 47.52 -3.64 0.23
C LEU C 166 48.45 -2.62 -0.44
N ASP C 167 49.60 -2.28 0.20
CA ASP C 167 50.60 -1.38 -0.40
C ASP C 167 51.22 -2.04 -1.64
N ALA C 168 51.57 -3.34 -1.53
CA ALA C 168 52.14 -4.13 -2.62
C ALA C 168 51.20 -4.15 -3.82
N HIS C 169 49.90 -4.43 -3.59
CA HIS C 169 48.84 -4.48 -4.59
C HIS C 169 48.59 -3.09 -5.18
N SER C 170 48.66 -2.03 -4.34
CA SER C 170 48.51 -0.63 -4.75
C SER C 170 49.60 -0.20 -5.72
N LEU C 171 50.80 -0.83 -5.68
CA LEU C 171 51.85 -0.49 -6.65
C LEU C 171 51.36 -0.86 -8.06
N TYR C 172 50.66 -2.01 -8.19
CA TYR C 172 50.06 -2.41 -9.47
C TYR C 172 48.93 -1.47 -9.84
N LEU C 173 48.00 -1.18 -8.91
CA LEU C 173 46.85 -0.32 -9.16
C LEU C 173 47.27 1.05 -9.68
N LEU C 174 48.37 1.57 -9.13
CA LEU C 174 48.93 2.86 -9.53
C LEU C 174 49.29 2.85 -11.03
N GLN C 175 50.00 1.80 -11.49
CA GLN C 175 50.43 1.67 -12.89
C GLN C 175 49.23 1.41 -13.78
N PHE C 176 48.39 0.46 -13.39
CA PHE C 176 47.18 0.02 -14.10
C PHE C 176 46.21 1.18 -14.32
N SER C 177 45.87 1.94 -13.26
CA SER C 177 44.93 3.07 -13.35
C SER C 177 45.43 4.14 -14.33
N ARG C 178 46.73 4.42 -14.36
CA ARG C 178 47.27 5.44 -15.26
C ARG C 178 47.26 4.96 -16.71
N VAL C 179 47.47 3.65 -16.94
CA VAL C 179 47.45 3.08 -18.30
C VAL C 179 46.01 3.07 -18.85
N ILE C 180 45.03 2.53 -18.10
CA ILE C 180 43.66 2.44 -18.62
C ILE C 180 42.88 3.78 -18.50
N ASN C 181 43.27 4.69 -17.61
CA ASN C 181 42.64 6.01 -17.43
C ASN C 181 43.67 7.09 -17.78
N PRO C 182 43.65 7.62 -19.04
CA PRO C 182 44.68 8.59 -19.45
C PRO C 182 44.67 9.95 -18.72
N ASN C 183 43.56 10.35 -18.05
CA ASN C 183 43.56 11.64 -17.35
C ASN C 183 44.33 11.57 -16.01
N LEU C 184 44.61 10.34 -15.50
CA LEU C 184 45.36 10.11 -14.26
C LEU C 184 46.89 10.14 -14.49
N ARG C 185 47.33 10.01 -15.75
CA ARG C 185 48.75 9.99 -16.15
C ARG C 185 49.55 11.22 -15.67
N GLY C 186 48.92 12.40 -15.62
CA GLY C 186 49.53 13.65 -15.17
C GLY C 186 49.31 13.97 -13.69
N ARG C 187 48.62 13.08 -12.95
CA ARG C 187 48.29 13.22 -11.53
C ARG C 187 49.29 12.50 -10.61
N THR C 188 49.38 12.94 -9.33
CA THR C 188 50.27 12.36 -8.29
C THR C 188 49.78 10.99 -7.83
N LYS C 189 50.65 10.23 -7.12
CA LYS C 189 50.33 8.90 -6.57
C LYS C 189 49.07 8.97 -5.70
N GLU C 190 49.00 10.01 -4.84
CA GLU C 190 47.89 10.23 -3.90
C GLU C 190 46.58 10.50 -4.64
N GLU C 191 46.63 11.21 -5.79
CA GLU C 191 45.44 11.52 -6.60
C GLU C 191 44.92 10.26 -7.31
N VAL C 192 45.84 9.43 -7.85
CA VAL C 192 45.50 8.17 -8.52
C VAL C 192 44.94 7.20 -7.48
N ALA C 193 45.59 7.11 -6.30
CA ALA C 193 45.16 6.26 -5.17
C ALA C 193 43.75 6.60 -4.70
N ALA C 194 43.36 7.90 -4.80
CA ALA C 194 42.04 8.39 -4.40
C ALA C 194 40.92 7.87 -5.33
N THR C 195 41.29 7.26 -6.48
CA THR C 195 40.32 6.68 -7.43
C THR C 195 40.23 5.14 -7.26
N PHE C 196 41.21 4.50 -6.60
CA PHE C 196 41.17 3.05 -6.47
C PHE C 196 41.05 2.53 -5.04
N THR C 197 41.28 3.36 -3.99
CA THR C 197 41.22 2.90 -2.59
C THR C 197 39.80 2.51 -2.14
N GLN C 198 38.76 3.30 -2.46
CA GLN C 198 37.38 2.96 -2.06
C GLN C 198 36.90 1.61 -2.68
N PRO C 199 37.00 1.36 -4.03
CA PRO C 199 36.58 0.03 -4.55
C PRO C 199 37.48 -1.10 -4.05
N MET C 200 38.79 -0.83 -3.78
CA MET C 200 39.73 -1.82 -3.22
C MET C 200 39.27 -2.22 -1.82
N ASN C 201 39.06 -1.24 -0.94
CA ASN C 201 38.62 -1.48 0.45
C ASN C 201 37.25 -2.14 0.51
N ALA C 202 36.33 -1.79 -0.43
CA ALA C 202 35.00 -2.43 -0.51
C ALA C 202 35.16 -3.93 -0.79
N ALA C 203 36.11 -4.32 -1.68
CA ALA C 203 36.40 -5.73 -1.98
C ALA C 203 37.05 -6.43 -0.77
N VAL C 204 38.00 -5.74 -0.08
CA VAL C 204 38.70 -6.22 1.10
C VAL C 204 37.68 -6.55 2.21
N ASN C 205 36.69 -5.67 2.40
CA ASN C 205 35.73 -5.76 3.49
C ASN C 205 34.39 -6.40 3.13
N SER C 206 34.24 -6.93 1.90
CA SER C 206 32.98 -7.56 1.50
C SER C 206 32.76 -8.88 2.26
N ASN C 207 31.53 -9.36 2.31
CA ASN C 207 31.25 -10.60 3.03
C ASN C 207 31.41 -11.84 2.10
N PHE C 208 31.81 -11.62 0.84
CA PHE C 208 31.95 -12.71 -0.13
C PHE C 208 33.30 -13.43 0.03
N ILE C 209 33.25 -14.72 0.43
CA ILE C 209 34.38 -15.63 0.75
C ILE C 209 34.91 -15.19 2.12
N SER C 210 34.87 -16.12 3.09
CA SER C 210 35.27 -15.90 4.49
C SER C 210 36.73 -15.50 4.65
N HIS C 211 37.05 -14.92 5.83
CA HIS C 211 38.40 -14.47 6.20
C HIS C 211 39.41 -15.60 6.05
N GLU C 212 39.04 -16.79 6.57
CA GLU C 212 39.81 -18.04 6.58
C GLU C 212 40.07 -18.54 5.16
N LYS C 213 39.04 -18.57 4.29
CA LYS C 213 39.18 -19.04 2.91
C LYS C 213 40.04 -18.06 2.10
N ARG C 214 39.91 -16.74 2.35
CA ARG C 214 40.73 -15.75 1.66
C ARG C 214 42.22 -15.91 2.10
N ARG C 215 42.49 -16.18 3.40
CA ARG C 215 43.87 -16.40 3.87
C ARG C 215 44.46 -17.68 3.29
N GLU C 216 43.62 -18.71 3.04
CA GLU C 216 44.03 -19.97 2.42
C GLU C 216 44.50 -19.72 0.99
N PHE C 217 43.84 -18.80 0.26
CA PHE C 217 44.24 -18.42 -1.10
C PHE C 217 45.60 -17.71 -1.06
N LEU C 218 45.74 -16.69 -0.18
CA LEU C 218 46.98 -15.91 -0.04
C LEU C 218 48.16 -16.83 0.26
N LYS C 219 47.97 -17.84 1.15
CA LYS C 219 48.98 -18.82 1.53
C LYS C 219 49.33 -19.74 0.36
N ALA C 220 48.30 -20.27 -0.34
CA ALA C 220 48.45 -21.21 -1.46
C ALA C 220 49.28 -20.62 -2.59
N PHE C 221 49.12 -19.32 -2.85
CA PHE C 221 49.87 -18.68 -3.92
C PHE C 221 51.09 -17.92 -3.38
N GLY C 222 51.53 -18.31 -2.19
CA GLY C 222 52.75 -17.85 -1.52
C GLY C 222 52.87 -16.38 -1.18
N LEU C 223 51.73 -15.66 -1.07
CA LEU C 223 51.75 -14.25 -0.71
C LEU C 223 52.02 -14.07 0.78
N VAL C 224 51.45 -14.95 1.62
CA VAL C 224 51.67 -14.93 3.08
C VAL C 224 52.05 -16.34 3.54
N ASP C 225 52.77 -16.45 4.69
CA ASP C 225 53.14 -17.76 5.26
C ASP C 225 52.01 -18.25 6.19
N SER C 226 52.26 -19.35 6.94
CA SER C 226 51.31 -19.96 7.88
C SER C 226 50.79 -18.99 8.95
N ASN C 227 51.61 -17.99 9.33
CA ASN C 227 51.27 -16.98 10.34
C ASN C 227 50.69 -15.70 9.73
N GLY C 228 50.50 -15.70 8.40
CA GLY C 228 49.97 -14.55 7.67
C GLY C 228 51.00 -13.47 7.37
N LYS C 229 52.30 -13.77 7.58
CA LYS C 229 53.40 -12.83 7.31
C LYS C 229 53.66 -12.77 5.80
N PRO C 230 53.64 -11.57 5.19
CA PRO C 230 53.84 -11.47 3.74
C PRO C 230 55.24 -11.91 3.28
N SER C 231 55.35 -12.38 2.03
CA SER C 231 56.60 -12.83 1.43
C SER C 231 57.55 -11.65 1.22
N ALA C 232 58.85 -11.94 0.96
CA ALA C 232 59.85 -10.90 0.73
C ALA C 232 59.48 -10.05 -0.50
N ALA C 233 58.86 -10.69 -1.53
CA ALA C 233 58.39 -10.07 -2.75
C ALA C 233 57.29 -9.03 -2.45
N VAL C 234 56.36 -9.36 -1.52
CA VAL C 234 55.27 -8.46 -1.09
C VAL C 234 55.87 -7.25 -0.34
N MET C 235 56.84 -7.50 0.57
CA MET C 235 57.50 -6.47 1.37
C MET C 235 58.25 -5.47 0.48
N ALA C 236 58.96 -5.96 -0.56
CA ALA C 236 59.70 -5.10 -1.48
C ALA C 236 58.74 -4.24 -2.31
N ALA C 237 57.61 -4.83 -2.72
CA ALA C 237 56.57 -4.14 -3.49
C ALA C 237 55.88 -3.07 -2.63
N ALA C 238 55.64 -3.37 -1.33
CA ALA C 238 55.06 -2.42 -0.36
C ALA C 238 55.96 -1.20 -0.21
N GLN C 239 57.28 -1.44 -0.22
CA GLN C 239 58.35 -0.46 -0.12
C GLN C 239 58.47 0.33 -1.43
N ALA C 240 58.44 -0.35 -2.59
CA ALA C 240 58.48 0.30 -3.91
C ALA C 240 57.29 1.26 -4.07
N TYR C 241 56.11 0.92 -3.47
CA TYR C 241 54.92 1.75 -3.50
C TYR C 241 55.14 3.01 -2.66
N LYS C 242 55.77 2.86 -1.48
CA LYS C 242 56.08 3.96 -0.55
C LYS C 242 56.89 5.08 -1.22
N THR C 243 57.91 4.73 -2.05
CA THR C 243 58.77 5.72 -2.70
C THR C 243 58.29 6.05 -4.15
N ALA C 244 57.27 5.32 -4.65
CA ALA C 244 56.72 5.52 -6.00
C ALA C 244 56.12 6.93 -6.18
N ALA C 245 56.27 7.47 -7.40
CA ALA C 245 55.72 8.77 -7.80
C ALA C 245 54.39 8.56 -8.56
N ASP D 2 19.58 40.13 -53.83
CA ASP D 2 20.81 39.84 -54.59
C ASP D 2 21.99 40.76 -54.18
N ASN D 3 21.73 42.06 -53.90
CA ASN D 3 22.79 42.96 -53.44
C ASN D 3 22.76 42.93 -51.89
N TYR D 4 23.40 41.90 -51.33
CA TYR D 4 23.41 41.62 -49.89
C TYR D 4 24.10 42.70 -49.10
N GLN D 5 25.18 43.32 -49.64
CA GLN D 5 25.88 44.41 -48.96
C GLN D 5 24.93 45.59 -48.77
N GLU D 6 24.15 45.94 -49.81
CA GLU D 6 23.18 47.04 -49.77
C GLU D 6 22.07 46.76 -48.76
N LEU D 7 21.59 45.52 -48.74
CA LEU D 7 20.55 45.07 -47.80
C LEU D 7 21.03 45.17 -46.37
N ALA D 8 22.30 44.83 -46.10
CA ALA D 8 22.85 44.92 -44.74
C ALA D 8 23.09 46.37 -44.35
N ILE D 9 23.49 47.24 -45.32
CA ILE D 9 23.71 48.68 -45.10
C ILE D 9 22.38 49.36 -44.78
N GLN D 10 21.32 49.09 -45.57
CA GLN D 10 19.97 49.64 -45.35
C GLN D 10 19.43 49.19 -44.02
N PHE D 11 19.67 47.91 -43.66
CA PHE D 11 19.24 47.34 -42.38
C PHE D 11 19.89 48.08 -41.20
N ALA D 12 21.21 48.36 -41.30
CA ALA D 12 21.97 49.06 -40.25
C ALA D 12 21.62 50.56 -40.22
N ALA D 13 21.12 51.10 -41.34
CA ALA D 13 20.78 52.51 -41.50
C ALA D 13 19.55 52.90 -40.69
N GLN D 14 18.53 52.00 -40.58
CA GLN D 14 17.32 52.28 -39.79
C GLN D 14 17.73 52.60 -38.34
N ALA D 15 17.15 53.65 -37.76
CA ALA D 15 17.47 54.05 -36.39
C ALA D 15 16.99 53.03 -35.36
N VAL D 16 17.75 52.91 -34.26
CA VAL D 16 17.46 51.98 -33.16
C VAL D 16 16.22 52.44 -32.42
N ASP D 17 15.19 51.57 -32.39
CA ASP D 17 13.97 51.82 -31.64
C ASP D 17 14.21 51.20 -30.25
N ARG D 18 14.69 52.02 -29.30
CA ARG D 18 15.01 51.61 -27.93
C ARG D 18 13.83 50.94 -27.23
N ASN D 19 12.60 51.45 -27.45
CA ASN D 19 11.36 50.93 -26.87
C ASN D 19 11.10 49.49 -27.33
N GLU D 20 11.30 49.25 -28.63
CA GLU D 20 11.09 47.95 -29.27
C GLU D 20 12.13 46.95 -28.74
N ILE D 21 13.43 47.33 -28.73
CA ILE D 21 14.53 46.49 -28.24
C ILE D 21 14.30 46.07 -26.79
N GLU D 22 13.94 47.03 -25.91
CA GLU D 22 13.72 46.77 -24.48
C GLU D 22 12.50 45.88 -24.24
N GLN D 23 11.47 46.01 -25.10
CA GLN D 23 10.28 45.17 -25.06
C GLN D 23 10.68 43.72 -25.35
N TRP D 24 11.64 43.53 -26.28
CA TRP D 24 12.11 42.20 -26.62
C TRP D 24 13.04 41.64 -25.56
N VAL D 25 13.88 42.48 -24.88
CA VAL D 25 14.74 41.95 -23.81
C VAL D 25 13.89 41.39 -22.67
N ARG D 26 12.78 42.09 -22.32
CA ARG D 26 11.88 41.67 -21.24
C ARG D 26 11.16 40.39 -21.61
N GLU D 27 10.74 40.27 -22.87
CA GLU D 27 10.02 39.10 -23.38
C GLU D 27 10.93 37.85 -23.35
N PHE D 28 12.20 38.05 -23.71
CA PHE D 28 13.19 36.98 -23.83
C PHE D 28 14.02 36.77 -22.56
N ALA D 29 13.78 37.59 -21.51
CA ALA D 29 14.53 37.51 -20.24
C ALA D 29 14.51 36.10 -19.61
N TYR D 30 15.62 35.77 -18.95
CA TYR D 30 15.82 34.53 -18.21
C TYR D 30 14.77 34.45 -17.11
N GLN D 31 14.08 33.31 -17.02
CA GLN D 31 13.09 33.12 -15.96
C GLN D 31 13.70 32.30 -14.83
N GLY D 32 13.85 32.97 -13.68
CA GLY D 32 14.43 32.41 -12.47
C GLY D 32 13.57 31.36 -11.81
N PHE D 33 14.18 30.60 -10.86
CA PHE D 33 13.50 29.55 -10.07
C PHE D 33 12.32 30.15 -9.35
N ASP D 34 11.16 29.45 -9.39
CA ASP D 34 9.95 29.88 -8.71
C ASP D 34 9.36 28.69 -7.95
N ALA D 35 9.50 28.70 -6.61
CA ALA D 35 9.03 27.63 -5.70
C ALA D 35 7.53 27.36 -5.84
N ARG D 36 6.74 28.39 -6.20
CA ARG D 36 5.28 28.29 -6.39
C ARG D 36 4.95 27.32 -7.52
N ARG D 37 5.74 27.36 -8.60
CA ARG D 37 5.58 26.49 -9.77
C ARG D 37 5.90 25.04 -9.40
N VAL D 38 6.92 24.83 -8.55
CA VAL D 38 7.31 23.51 -8.09
C VAL D 38 6.16 22.88 -7.27
N ILE D 39 5.62 23.61 -6.27
CA ILE D 39 4.53 23.13 -5.42
C ILE D 39 3.25 22.90 -6.27
N GLU D 40 2.97 23.78 -7.25
CA GLU D 40 1.82 23.65 -8.15
C GLU D 40 1.92 22.33 -8.94
N LEU D 41 3.12 22.00 -9.47
CA LEU D 41 3.33 20.77 -10.23
C LEU D 41 3.22 19.55 -9.30
N LEU D 42 3.74 19.66 -8.06
CA LEU D 42 3.66 18.61 -7.04
C LEU D 42 2.20 18.29 -6.75
N LYS D 43 1.37 19.33 -6.50
CA LYS D 43 -0.07 19.20 -6.24
C LYS D 43 -0.83 18.62 -7.44
N GLN D 44 -0.52 19.10 -8.66
CA GLN D 44 -1.13 18.69 -9.93
C GLN D 44 -0.91 17.19 -10.22
N TYR D 45 0.33 16.70 -10.03
CA TYR D 45 0.68 15.31 -10.32
C TYR D 45 0.37 14.36 -9.16
N GLY D 46 0.54 14.81 -7.93
CA GLY D 46 0.37 13.97 -6.75
C GLY D 46 -0.97 13.96 -6.08
N GLY D 47 -1.70 15.07 -6.17
CA GLY D 47 -2.98 15.23 -5.49
C GLY D 47 -2.79 15.17 -3.99
N ALA D 48 -3.61 14.35 -3.30
CA ALA D 48 -3.56 14.15 -1.84
C ALA D 48 -2.25 13.46 -1.37
N ASP D 49 -1.48 12.88 -2.30
CA ASP D 49 -0.23 12.17 -2.00
C ASP D 49 1.03 13.04 -2.11
N TRP D 50 0.92 14.29 -2.60
CA TRP D 50 2.06 15.15 -2.88
C TRP D 50 3.01 15.34 -1.66
N GLU D 51 2.47 15.56 -0.45
CA GLU D 51 3.27 15.80 0.75
C GLU D 51 4.09 14.57 1.18
N LYS D 52 3.47 13.36 1.19
CA LYS D 52 4.18 12.13 1.54
C LYS D 52 5.25 11.84 0.50
N ASP D 53 4.95 12.05 -0.79
CA ASP D 53 5.91 11.82 -1.88
C ASP D 53 7.05 12.85 -1.86
N ALA D 54 6.76 14.11 -1.48
CA ALA D 54 7.78 15.16 -1.40
C ALA D 54 8.79 14.85 -0.29
N LYS D 55 8.34 14.22 0.81
CA LYS D 55 9.22 13.79 1.92
C LYS D 55 10.23 12.75 1.41
N LYS D 56 9.74 11.79 0.60
CA LYS D 56 10.55 10.74 -0.03
C LYS D 56 11.57 11.36 -0.99
N MET D 57 11.11 12.34 -1.79
CA MET D 57 11.93 13.03 -2.79
C MET D 57 12.99 13.88 -2.12
N ILE D 58 12.73 14.42 -0.90
CA ILE D 58 13.71 15.21 -0.14
C ILE D 58 14.83 14.26 0.36
N VAL D 59 14.46 13.03 0.81
CA VAL D 59 15.44 12.04 1.25
C VAL D 59 16.33 11.65 0.04
N LEU D 60 15.72 11.48 -1.15
CA LEU D 60 16.47 11.12 -2.37
C LEU D 60 17.40 12.22 -2.80
N ALA D 61 16.91 13.49 -2.79
CA ALA D 61 17.70 14.65 -3.15
C ALA D 61 18.94 14.80 -2.23
N LEU D 62 18.74 14.63 -0.91
CA LEU D 62 19.80 14.82 0.09
C LEU D 62 20.81 13.68 0.18
N THR D 63 20.37 12.42 0.01
CA THR D 63 21.27 11.28 0.19
C THR D 63 21.73 10.64 -1.14
N ARG D 64 20.99 10.85 -2.25
CA ARG D 64 21.37 10.20 -3.51
C ARG D 64 21.64 11.21 -4.66
N GLY D 65 21.14 12.44 -4.54
CA GLY D 65 21.39 13.45 -5.55
C GLY D 65 20.24 13.83 -6.46
N ASN D 66 20.59 14.33 -7.64
CA ASN D 66 19.64 14.88 -8.61
C ASN D 66 19.53 14.07 -9.92
N LYS D 67 19.89 12.78 -9.92
CA LYS D 67 19.80 11.96 -11.15
C LYS D 67 18.93 10.70 -10.89
N PRO D 68 17.58 10.86 -10.98
CA PRO D 68 16.67 9.74 -10.65
C PRO D 68 16.95 8.41 -11.36
N ARG D 69 17.17 8.40 -12.67
CA ARG D 69 17.43 7.15 -13.41
C ARG D 69 18.79 6.56 -13.09
N ARG D 70 19.81 7.40 -12.88
CA ARG D 70 21.15 6.94 -12.53
C ARG D 70 21.19 6.33 -11.09
N MET D 71 20.55 6.97 -10.09
CA MET D 71 20.56 6.48 -8.71
C MET D 71 19.84 5.13 -8.60
N MET D 72 18.85 4.88 -9.47
CA MET D 72 18.08 3.64 -9.56
C MET D 72 18.95 2.44 -9.92
N MET D 73 20.08 2.68 -10.63
CA MET D 73 21.00 1.63 -11.08
C MET D 73 21.66 0.90 -9.90
N LYS D 74 21.87 1.62 -8.78
CA LYS D 74 22.50 1.08 -7.57
C LYS D 74 21.55 1.29 -6.41
N MET D 75 20.45 0.54 -6.42
CA MET D 75 19.41 0.62 -5.42
C MET D 75 18.72 -0.73 -5.24
N SER D 76 18.15 -0.97 -4.06
CA SER D 76 17.38 -2.20 -3.78
C SER D 76 16.13 -2.25 -4.65
N LYS D 77 15.55 -3.44 -4.85
CA LYS D 77 14.34 -3.67 -5.64
C LYS D 77 13.19 -2.74 -5.16
N GLU D 78 13.05 -2.60 -3.82
CA GLU D 78 12.04 -1.79 -3.12
C GLU D 78 12.22 -0.30 -3.43
N GLY D 79 13.45 0.19 -3.28
CA GLY D 79 13.79 1.59 -3.56
C GLY D 79 13.57 1.93 -5.01
N LYS D 80 14.08 1.06 -5.93
CA LYS D 80 13.95 1.11 -7.39
C LYS D 80 12.49 1.27 -7.79
N ALA D 81 11.59 0.46 -7.18
CA ALA D 81 10.14 0.49 -7.43
C ALA D 81 9.53 1.81 -6.97
N THR D 82 9.98 2.35 -5.82
CA THR D 82 9.49 3.60 -5.26
C THR D 82 9.91 4.77 -6.16
N VAL D 83 11.19 4.81 -6.59
CA VAL D 83 11.73 5.89 -7.44
C VAL D 83 11.08 5.81 -8.84
N GLU D 84 10.90 4.58 -9.39
CA GLU D 84 10.24 4.38 -10.70
C GLU D 84 8.84 5.02 -10.68
N ALA D 85 8.06 4.76 -9.62
CA ALA D 85 6.71 5.30 -9.44
C ALA D 85 6.76 6.83 -9.32
N LEU D 86 7.74 7.37 -8.56
CA LEU D 86 7.92 8.82 -8.39
C LEU D 86 8.27 9.51 -9.71
N ILE D 87 9.14 8.89 -10.55
CA ILE D 87 9.53 9.44 -11.86
C ILE D 87 8.29 9.49 -12.78
N ASN D 88 7.52 8.39 -12.85
CA ASN D 88 6.35 8.31 -13.71
C ASN D 88 5.28 9.33 -13.30
N LYS D 89 4.98 9.39 -11.98
CA LYS D 89 3.93 10.29 -11.47
C LYS D 89 4.29 11.77 -11.63
N TYR D 90 5.48 12.18 -11.17
CA TYR D 90 5.88 13.59 -11.17
C TYR D 90 6.71 14.00 -12.38
N LYS D 91 6.85 13.09 -13.38
CA LYS D 91 7.62 13.29 -14.62
C LYS D 91 8.97 13.91 -14.28
N LEU D 92 9.63 13.30 -13.28
CA LEU D 92 10.91 13.76 -12.76
C LEU D 92 11.99 13.71 -13.83
N LYS D 93 12.77 14.78 -13.88
CA LYS D 93 13.90 14.91 -14.79
C LYS D 93 15.17 15.09 -13.98
N GLU D 94 16.31 14.86 -14.61
CA GLU D 94 17.62 15.11 -14.02
C GLU D 94 18.07 16.51 -14.43
N GLY D 95 19.11 17.00 -13.75
CA GLY D 95 19.76 18.25 -14.09
C GLY D 95 18.95 19.52 -13.96
N ASN D 96 19.06 20.37 -14.98
CA ASN D 96 18.46 21.69 -15.03
C ASN D 96 17.58 21.85 -16.29
N PRO D 97 16.37 21.25 -16.32
CA PRO D 97 15.54 21.36 -17.54
C PRO D 97 14.62 22.58 -17.52
N SER D 98 13.56 22.55 -18.35
CA SER D 98 12.51 23.56 -18.41
C SER D 98 11.87 23.75 -17.02
N ARG D 99 11.36 24.96 -16.74
CA ARG D 99 10.67 25.26 -15.46
C ARG D 99 9.30 24.55 -15.38
N ASP D 100 8.84 23.95 -16.49
CA ASP D 100 7.61 23.15 -16.52
C ASP D 100 7.89 21.72 -16.00
N GLU D 101 9.15 21.44 -15.61
CA GLU D 101 9.59 20.12 -15.16
C GLU D 101 10.05 20.13 -13.73
N LEU D 102 9.73 19.05 -13.01
CA LEU D 102 10.19 18.84 -11.64
C LEU D 102 11.50 18.05 -11.65
N THR D 103 12.33 18.32 -10.64
CA THR D 103 13.60 17.62 -10.35
C THR D 103 13.62 17.43 -8.84
N LEU D 104 14.42 16.48 -8.36
CA LEU D 104 14.60 16.25 -6.93
C LEU D 104 15.18 17.49 -6.23
N SER D 105 16.14 18.19 -6.87
CA SER D 105 16.75 19.41 -6.34
C SER D 105 15.73 20.53 -6.22
N ARG D 106 14.82 20.66 -7.19
CA ARG D 106 13.79 21.72 -7.16
C ARG D 106 12.78 21.46 -6.06
N VAL D 107 12.44 20.18 -5.81
CA VAL D 107 11.50 19.78 -4.76
C VAL D 107 12.10 20.18 -3.41
N ALA D 108 13.38 19.83 -3.20
CA ALA D 108 14.14 20.13 -1.97
C ALA D 108 14.27 21.63 -1.76
N ALA D 109 14.52 22.41 -2.84
CA ALA D 109 14.69 23.87 -2.83
C ALA D 109 13.39 24.59 -2.51
N ALA D 110 12.26 24.15 -3.09
CA ALA D 110 10.95 24.78 -2.88
C ALA D 110 10.41 24.54 -1.46
N LEU D 111 10.74 23.39 -0.86
CA LEU D 111 10.29 23.00 0.49
C LEU D 111 11.49 22.96 1.43
N ALA D 112 12.33 24.01 1.31
CA ALA D 112 13.57 24.24 2.05
C ALA D 112 13.40 24.16 3.59
N GLY D 113 12.24 24.55 4.13
CA GLY D 113 11.96 24.50 5.56
C GLY D 113 12.02 23.08 6.10
N ARG D 114 11.39 22.14 5.37
CA ARG D 114 11.39 20.71 5.67
C ARG D 114 12.79 20.10 5.38
N THR D 115 13.41 20.48 4.23
CA THR D 115 14.72 19.97 3.80
C THR D 115 15.77 20.20 4.87
N CYS D 116 15.82 21.42 5.42
CA CYS D 116 16.80 21.79 6.43
C CYS D 116 16.59 21.07 7.77
N GLN D 117 15.35 20.69 8.10
CA GLN D 117 15.05 19.93 9.32
C GLN D 117 15.53 18.48 9.17
N ALA D 118 15.39 17.92 7.96
CA ALA D 118 15.80 16.56 7.60
C ALA D 118 17.31 16.38 7.77
N LEU D 119 18.09 17.46 7.54
CA LEU D 119 19.56 17.51 7.60
C LEU D 119 20.13 17.12 8.96
N VAL D 120 19.39 17.34 10.06
CA VAL D 120 19.84 16.99 11.41
C VAL D 120 19.92 15.46 11.52
N VAL D 121 18.90 14.76 11.01
CA VAL D 121 18.82 13.29 11.05
C VAL D 121 19.75 12.67 9.98
N LEU D 122 19.79 13.27 8.77
CA LEU D 122 20.51 12.75 7.61
C LEU D 122 21.98 13.12 7.53
N SER D 123 22.46 13.96 8.46
CA SER D 123 23.82 14.47 8.59
C SER D 123 24.94 13.52 8.06
N GLU D 124 25.00 12.29 8.55
CA GLU D 124 26.07 11.37 8.18
C GLU D 124 25.87 10.64 6.84
N TRP D 125 24.80 10.97 6.08
CA TRP D 125 24.49 10.35 4.78
C TRP D 125 24.53 11.39 3.64
N LEU D 126 24.92 12.63 3.96
CA LEU D 126 25.05 13.74 3.00
C LEU D 126 26.43 13.69 2.30
N PRO D 127 26.63 14.34 1.12
CA PRO D 127 27.95 14.29 0.47
C PRO D 127 29.10 14.81 1.37
N VAL D 128 28.79 15.80 2.23
CA VAL D 128 29.72 16.31 3.26
C VAL D 128 28.97 16.14 4.57
N THR D 129 29.46 15.24 5.42
CA THR D 129 28.84 14.88 6.71
C THR D 129 29.03 15.97 7.77
N GLY D 130 28.16 15.93 8.78
CA GLY D 130 28.19 16.85 9.93
C GLY D 130 29.45 16.73 10.74
N THR D 131 30.02 15.50 10.81
CA THR D 131 31.29 15.15 11.47
C THR D 131 32.44 15.88 10.74
N THR D 132 32.44 15.87 9.39
CA THR D 132 33.47 16.56 8.59
C THR D 132 33.37 18.07 8.84
N MET D 133 32.12 18.61 8.87
CA MET D 133 31.90 20.03 9.14
C MET D 133 32.38 20.43 10.55
N ASP D 134 32.23 19.51 11.55
CA ASP D 134 32.65 19.72 12.94
C ASP D 134 34.16 19.85 13.06
N GLY D 135 34.89 19.18 12.17
CA GLY D 135 36.35 19.25 12.09
C GLY D 135 36.87 20.60 11.58
N LEU D 136 36.02 21.37 10.91
CA LEU D 136 36.35 22.69 10.36
C LEU D 136 35.88 23.81 11.28
N SER D 137 34.73 23.60 11.93
CA SER D 137 34.12 24.52 12.89
C SER D 137 33.28 23.70 13.87
N PRO D 138 33.60 23.73 15.20
CA PRO D 138 32.84 22.91 16.16
C PRO D 138 31.35 23.23 16.21
N ALA D 139 30.52 22.18 16.41
CA ALA D 139 29.05 22.22 16.47
C ALA D 139 28.48 22.98 15.25
N TYR D 140 29.00 22.69 14.04
CA TYR D 140 28.55 23.32 12.81
C TYR D 140 27.02 23.16 12.65
N PRO D 141 26.29 24.26 12.34
CA PRO D 141 24.82 24.16 12.25
C PRO D 141 24.37 23.20 11.14
N ARG D 142 23.79 22.07 11.56
CA ARG D 142 23.29 21.02 10.69
C ARG D 142 22.21 21.52 9.73
N HIS D 143 21.44 22.55 10.13
CA HIS D 143 20.37 23.12 9.31
C HIS D 143 20.90 23.90 8.08
N MET D 144 22.19 24.24 8.06
CA MET D 144 22.83 24.98 6.97
C MET D 144 23.48 24.07 5.93
N MET D 145 23.47 22.78 6.18
CA MET D 145 24.16 21.78 5.36
C MET D 145 23.41 21.34 4.08
N HIS D 146 22.93 22.31 3.28
CA HIS D 146 22.31 22.11 1.97
C HIS D 146 22.15 23.45 1.27
N PRO D 147 22.29 23.56 -0.08
CA PRO D 147 22.07 24.86 -0.76
C PRO D 147 20.68 25.46 -0.55
N SER D 148 19.65 24.62 -0.27
CA SER D 148 18.27 25.10 -0.05
C SER D 148 18.14 25.96 1.22
N PHE D 149 19.12 25.89 2.16
CA PHE D 149 19.13 26.70 3.38
C PHE D 149 19.03 28.21 3.06
N ALA D 150 19.61 28.66 1.94
CA ALA D 150 19.61 30.06 1.50
C ALA D 150 18.20 30.60 1.36
N GLY D 151 17.25 29.71 1.02
CA GLY D 151 15.84 30.04 0.90
C GLY D 151 15.15 30.30 2.24
N MET D 152 15.86 30.09 3.36
CA MET D 152 15.36 30.30 4.72
C MET D 152 16.02 31.51 5.38
N VAL D 153 16.91 32.19 4.65
CA VAL D 153 17.66 33.34 5.15
C VAL D 153 16.86 34.64 4.96
N ASP D 154 16.73 35.39 6.07
CA ASP D 154 16.04 36.68 6.12
C ASP D 154 17.00 37.81 5.63
N PRO D 155 16.79 38.38 4.41
CA PRO D 155 17.72 39.44 3.93
C PRO D 155 17.59 40.76 4.69
N SER D 156 16.50 40.94 5.45
CA SER D 156 16.21 42.14 6.23
C SER D 156 16.93 42.13 7.61
N LEU D 157 17.65 41.03 7.92
CA LEU D 157 18.44 40.90 9.16
C LEU D 157 19.52 41.99 9.20
N PRO D 158 19.99 42.46 10.40
CA PRO D 158 21.06 43.47 10.41
C PRO D 158 22.30 42.92 9.69
N GLY D 159 22.90 43.76 8.85
CA GLY D 159 24.06 43.48 8.00
C GLY D 159 25.08 42.48 8.51
N ASP D 160 25.61 42.71 9.71
CA ASP D 160 26.63 41.84 10.33
C ASP D 160 26.06 40.45 10.63
N TYR D 161 24.80 40.40 11.12
CA TYR D 161 24.10 39.16 11.45
C TYR D 161 23.83 38.37 10.17
N LEU D 162 23.45 39.08 9.08
CA LEU D 162 23.15 38.50 7.76
C LEU D 162 24.43 37.93 7.13
N ARG D 163 25.56 38.69 7.20
CA ARG D 163 26.86 38.26 6.67
C ARG D 163 27.37 37.04 7.41
N ALA D 164 27.17 36.98 8.75
CA ALA D 164 27.57 35.86 9.61
C ALA D 164 26.81 34.57 9.22
N ILE D 165 25.50 34.67 8.95
CA ILE D 165 24.67 33.54 8.53
C ILE D 165 25.12 33.03 7.15
N LEU D 166 25.38 33.95 6.20
CA LEU D 166 25.80 33.60 4.84
C LEU D 166 27.21 33.07 4.78
N ASP D 167 28.15 33.62 5.61
CA ASP D 167 29.52 33.14 5.67
C ASP D 167 29.56 31.73 6.26
N ALA D 168 28.77 31.50 7.35
CA ALA D 168 28.66 30.20 8.03
C ALA D 168 28.16 29.14 7.06
N HIS D 169 27.09 29.46 6.28
CA HIS D 169 26.49 28.59 5.26
C HIS D 169 27.48 28.34 4.11
N SER D 170 28.23 29.38 3.71
CA SER D 170 29.22 29.32 2.63
C SER D 170 30.35 28.35 2.95
N LEU D 171 30.65 28.13 4.26
CA LEU D 171 31.65 27.18 4.72
C LEU D 171 31.23 25.78 4.23
N TYR D 172 29.93 25.44 4.34
CA TYR D 172 29.38 24.19 3.85
C TYR D 172 29.40 24.12 2.32
N LEU D 173 28.87 25.16 1.66
CA LEU D 173 28.77 25.22 0.19
C LEU D 173 30.14 24.99 -0.47
N LEU D 174 31.22 25.52 0.15
CA LEU D 174 32.60 25.35 -0.32
C LEU D 174 32.99 23.85 -0.36
N GLN D 175 32.74 23.12 0.74
CA GLN D 175 33.04 21.68 0.86
C GLN D 175 32.16 20.87 -0.08
N PHE D 176 30.84 21.15 -0.04
CA PHE D 176 29.80 20.48 -0.83
C PHE D 176 30.07 20.58 -2.33
N SER D 177 30.31 21.81 -2.84
CA SER D 177 30.56 22.04 -4.27
C SER D 177 31.77 21.26 -4.77
N ARG D 178 32.84 21.15 -3.96
CA ARG D 178 34.04 20.43 -4.37
C ARG D 178 33.81 18.92 -4.40
N VAL D 179 32.97 18.41 -3.48
CA VAL D 179 32.66 16.98 -3.42
C VAL D 179 31.76 16.57 -4.62
N ILE D 180 30.66 17.30 -4.87
CA ILE D 180 29.75 16.91 -5.95
C ILE D 180 30.24 17.38 -7.36
N ASN D 181 31.10 18.42 -7.42
CA ASN D 181 31.66 18.93 -8.68
C ASN D 181 33.20 18.69 -8.64
N PRO D 182 33.69 17.58 -9.25
CA PRO D 182 35.14 17.26 -9.16
C PRO D 182 36.08 18.26 -9.86
N ASN D 183 35.54 19.10 -10.76
CA ASN D 183 36.24 20.14 -11.52
C ASN D 183 36.67 21.32 -10.63
N LEU D 184 36.03 21.47 -9.45
CA LEU D 184 36.25 22.55 -8.49
C LEU D 184 37.27 22.18 -7.39
N ARG D 185 37.59 20.88 -7.25
CA ARG D 185 38.52 20.33 -6.25
C ARG D 185 39.92 20.97 -6.28
N GLY D 186 40.41 21.34 -7.45
CA GLY D 186 41.72 21.98 -7.60
C GLY D 186 41.69 23.50 -7.66
N ARG D 187 40.50 24.11 -7.53
CA ARG D 187 40.30 25.56 -7.62
C ARG D 187 40.26 26.23 -6.24
N THR D 188 40.54 27.55 -6.20
CA THR D 188 40.57 28.36 -4.97
C THR D 188 39.16 28.59 -4.40
N LYS D 189 39.07 29.05 -3.14
CA LYS D 189 37.80 29.36 -2.46
C LYS D 189 36.98 30.34 -3.30
N GLU D 190 37.64 31.40 -3.83
CA GLU D 190 37.01 32.45 -4.64
C GLU D 190 36.43 31.90 -5.95
N GLU D 191 37.10 30.89 -6.56
CA GLU D 191 36.64 30.26 -7.80
C GLU D 191 35.41 29.37 -7.55
N VAL D 192 35.39 28.61 -6.42
CA VAL D 192 34.28 27.74 -6.00
C VAL D 192 33.11 28.64 -5.61
N ALA D 193 33.37 29.73 -4.86
CA ALA D 193 32.36 30.70 -4.44
C ALA D 193 31.66 31.35 -5.63
N ALA D 194 32.38 31.54 -6.76
CA ALA D 194 31.86 32.12 -8.00
C ALA D 194 30.81 31.20 -8.68
N THR D 195 30.71 29.92 -8.23
CA THR D 195 29.73 28.96 -8.75
C THR D 195 28.51 28.83 -7.81
N PHE D 196 28.63 29.28 -6.53
CA PHE D 196 27.51 29.10 -5.60
C PHE D 196 26.87 30.42 -5.09
N THR D 197 27.55 31.57 -5.24
CA THR D 197 27.03 32.85 -4.74
C THR D 197 25.76 33.34 -5.46
N GLN D 198 25.69 33.27 -6.80
CA GLN D 198 24.51 33.70 -7.56
C GLN D 198 23.26 32.87 -7.20
N PRO D 199 23.26 31.51 -7.23
CA PRO D 199 22.04 30.78 -6.82
C PRO D 199 21.72 30.97 -5.32
N MET D 200 22.75 31.16 -4.46
CA MET D 200 22.57 31.41 -3.02
C MET D 200 21.84 32.75 -2.83
N ASN D 201 22.37 33.83 -3.43
CA ASN D 201 21.79 35.18 -3.33
C ASN D 201 20.39 35.23 -3.93
N ALA D 202 20.14 34.48 -5.02
CA ALA D 202 18.82 34.42 -5.65
C ALA D 202 17.80 33.83 -4.67
N ALA D 203 18.20 32.79 -3.91
CA ALA D 203 17.34 32.16 -2.89
C ALA D 203 17.11 33.11 -1.71
N VAL D 204 18.19 33.79 -1.24
CA VAL D 204 18.15 34.74 -0.14
C VAL D 204 17.17 35.88 -0.47
N ASN D 205 17.22 36.41 -1.70
CA ASN D 205 16.44 37.57 -2.15
C ASN D 205 15.11 37.21 -2.86
N SER D 206 14.73 35.92 -2.89
CA SER D 206 13.47 35.57 -3.56
C SER D 206 12.27 36.04 -2.74
N ASN D 207 11.09 36.16 -3.37
CA ASN D 207 9.88 36.59 -2.68
C ASN D 207 9.15 35.41 -2.05
N PHE D 208 9.69 34.17 -2.14
CA PHE D 208 9.05 32.99 -1.57
C PHE D 208 9.36 32.84 -0.09
N ILE D 209 8.30 32.86 0.73
CA ILE D 209 8.27 32.81 2.20
C ILE D 209 8.80 34.15 2.72
N SER D 210 7.92 34.91 3.42
CA SER D 210 8.20 36.25 3.92
C SER D 210 9.44 36.32 4.84
N HIS D 211 10.01 37.52 4.98
CA HIS D 211 11.16 37.83 5.83
C HIS D 211 10.92 37.34 7.25
N GLU D 212 9.72 37.64 7.79
CA GLU D 212 9.24 37.31 9.14
C GLU D 212 9.14 35.81 9.36
N LYS D 213 8.54 35.06 8.39
CA LYS D 213 8.44 33.61 8.46
C LYS D 213 9.81 32.95 8.36
N ARG D 214 10.71 33.52 7.53
CA ARG D 214 12.10 33.04 7.38
C ARG D 214 12.85 33.19 8.69
N ARG D 215 12.67 34.34 9.39
CA ARG D 215 13.33 34.58 10.68
C ARG D 215 12.78 33.66 11.77
N GLU D 216 11.47 33.30 11.69
CA GLU D 216 10.83 32.37 12.62
C GLU D 216 11.46 30.97 12.48
N PHE D 217 11.82 30.58 11.22
CA PHE D 217 12.50 29.31 10.95
C PHE D 217 13.91 29.32 11.54
N LEU D 218 14.70 30.41 11.30
CA LEU D 218 16.07 30.57 11.81
C LEU D 218 16.10 30.51 13.35
N LYS D 219 15.09 31.12 14.01
CA LYS D 219 14.94 31.13 15.48
C LYS D 219 14.59 29.72 15.99
N ALA D 220 13.61 29.05 15.35
CA ALA D 220 13.17 27.70 15.69
C ALA D 220 14.29 26.68 15.49
N PHE D 221 15.13 26.86 14.43
CA PHE D 221 16.28 26.00 14.13
C PHE D 221 17.47 26.27 15.08
N GLY D 222 17.37 27.33 15.90
CA GLY D 222 18.40 27.74 16.84
C GLY D 222 19.60 28.44 16.23
N LEU D 223 19.40 29.05 15.05
CA LEU D 223 20.45 29.76 14.31
C LEU D 223 20.58 31.22 14.78
N VAL D 224 19.45 31.86 15.13
CA VAL D 224 19.43 33.24 15.62
C VAL D 224 18.54 33.35 16.86
N ASP D 225 18.82 34.34 17.73
CA ASP D 225 17.99 34.56 18.93
C ASP D 225 16.79 35.46 18.57
N SER D 226 16.03 35.91 19.60
CA SER D 226 14.85 36.78 19.45
C SER D 226 15.15 38.09 18.71
N ASN D 227 16.40 38.61 18.83
CA ASN D 227 16.85 39.86 18.20
C ASN D 227 17.51 39.60 16.82
N GLY D 228 17.53 38.34 16.38
CA GLY D 228 18.15 37.96 15.11
C GLY D 228 19.65 37.81 15.16
N LYS D 229 20.25 37.82 16.38
CA LYS D 229 21.69 37.66 16.58
C LYS D 229 22.06 36.18 16.39
N PRO D 230 23.04 35.87 15.50
CA PRO D 230 23.41 34.47 15.26
C PRO D 230 24.00 33.78 16.47
N SER D 231 23.84 32.44 16.55
CA SER D 231 24.36 31.63 17.64
C SER D 231 25.90 31.61 17.62
N ALA D 232 26.53 31.16 18.72
CA ALA D 232 27.99 31.08 18.82
C ALA D 232 28.53 30.14 17.74
N ALA D 233 27.79 29.05 17.45
CA ALA D 233 28.11 28.06 16.42
C ALA D 233 28.16 28.70 15.01
N VAL D 234 27.21 29.61 14.70
CA VAL D 234 27.15 30.33 13.42
C VAL D 234 28.36 31.27 13.32
N MET D 235 28.68 32.01 14.42
CA MET D 235 29.80 32.95 14.47
C MET D 235 31.14 32.26 14.19
N ALA D 236 31.38 31.08 14.80
CA ALA D 236 32.60 30.28 14.59
C ALA D 236 32.71 29.78 13.12
N ALA D 237 31.59 29.32 12.54
CA ALA D 237 31.55 28.84 11.16
C ALA D 237 31.76 30.00 10.17
N ALA D 238 31.21 31.19 10.50
CA ALA D 238 31.37 32.42 9.71
C ALA D 238 32.81 32.90 9.75
N GLN D 239 33.48 32.66 10.89
CA GLN D 239 34.87 33.05 11.04
C GLN D 239 35.77 32.06 10.28
N ALA D 240 35.46 30.75 10.36
CA ALA D 240 36.25 29.73 9.69
C ALA D 240 36.18 29.86 8.16
N TYR D 241 35.06 30.40 7.61
CA TYR D 241 34.93 30.61 6.17
C TYR D 241 35.89 31.69 5.67
N LYS D 242 36.06 32.77 6.44
CA LYS D 242 36.94 33.90 6.12
C LYS D 242 38.40 33.46 5.88
N THR D 243 38.89 32.46 6.66
CA THR D 243 40.27 31.99 6.58
C THR D 243 40.39 30.64 5.84
N ALA D 244 39.25 30.07 5.40
CA ALA D 244 39.19 28.81 4.65
C ALA D 244 39.90 28.92 3.29
N ALA D 245 40.53 27.81 2.87
CA ALA D 245 41.23 27.67 1.60
C ALA D 245 40.31 27.06 0.53
#